data_6KOZ
#
_entry.id   6KOZ
#
_cell.length_a   51.208
_cell.length_b   57.420
_cell.length_c   69.006
_cell.angle_alpha   89.970
_cell.angle_beta   82.760
_cell.angle_gamma   67.820
#
_symmetry.space_group_name_H-M   'P 1'
#
loop_
_entity.id
_entity.type
_entity.pdbx_description
1 polymer 'Zinc metalloprotease, putative'
2 non-polymer 'ZINC ION'
3 non-polymer LEUCINE
4 non-polymer 'SODIUM ION'
5 water water
#
_entity_poly.entity_id   1
_entity_poly.type   'polypeptide(L)'
_entity_poly.pdbx_seq_one_letter_code
;MASWSHPQFEKGSSHHHHHHSSGSGGGGGENLYFQGSQSVGDSIFPSLGQRGLDVQHYDLHLTVPRPGEPHLSGDVTLTV
GAREPLSRIVLDLLGPRVSAAQWNGQRVRWVQTAQKVEVTLPRPLRPGETGRLRLIYAGTPELSGDPGLPIRPGWQNEAG
LSYSLSEPHGTRGFLPCNDHPSDPATFTVRVTVPASASAAASGLFTTQTERNGLKTLTFTQRVPVPTYALGLIVGPLERR
TAPDVQLGTQTVHRRDIYAAGLPAGTTVPEGETARMLRVLSDWFGPYPDEVYGVALLPVRQLALETAGLTTMPATSNRER
VRLHALAHQWFGDQVTLADWADTWLSEGFATYAELLWAESQGEDGQAMAADWYARLSVLPSRPLRATREEEIFDASAYFR
GALALHALRLKVGDAAFGQFLHSYVKTFTGRPVSTTALLTLVKTQLGAEAEQTLRVWVEGRTLPPLPEPVGAPV
;
_entity_poly.pdbx_strand_id   B,A
#
# COMPACT_ATOMS: atom_id res chain seq x y z
N GLN A 38 -10.71 -8.58 -6.86
CA GLN A 38 -10.69 -8.41 -5.42
C GLN A 38 -11.01 -6.96 -5.05
N SER A 39 -10.20 -6.04 -5.55
CA SER A 39 -10.41 -4.62 -5.31
C SER A 39 -11.60 -4.11 -6.12
N VAL A 40 -12.01 -2.87 -5.82
CA VAL A 40 -13.04 -2.22 -6.63
C VAL A 40 -12.61 -2.14 -8.09
N GLY A 41 -11.31 -1.98 -8.34
CA GLY A 41 -10.82 -1.85 -9.70
C GLY A 41 -10.90 -0.45 -10.25
N ASP A 42 -10.77 0.57 -9.39
CA ASP A 42 -10.81 1.95 -9.86
C ASP A 42 -9.73 2.20 -10.90
N SER A 43 -10.09 2.95 -11.94
CA SER A 43 -9.16 3.25 -13.01
C SER A 43 -8.01 4.15 -12.54
N ILE A 44 -8.20 4.88 -11.45
CA ILE A 44 -7.18 5.77 -10.92
C ILE A 44 -6.49 5.17 -9.71
N PHE A 45 -7.25 4.51 -8.83
CA PHE A 45 -6.75 3.89 -7.61
C PHE A 45 -7.11 2.41 -7.64
N PRO A 46 -6.35 1.59 -8.39
CA PRO A 46 -6.77 0.21 -8.65
C PRO A 46 -6.68 -0.72 -7.46
N SER A 47 -6.26 -0.25 -6.27
CA SER A 47 -6.12 -1.12 -5.12
C SER A 47 -7.16 -0.88 -4.03
N LEU A 48 -7.82 0.27 -4.01
CA LEU A 48 -8.74 0.58 -2.94
C LEU A 48 -10.01 -0.26 -3.04
N GLY A 49 -10.64 -0.46 -1.89
CA GLY A 49 -11.94 -1.12 -1.84
C GLY A 49 -11.93 -2.60 -2.09
N GLN A 50 -13.09 -3.23 -1.94
CA GLN A 50 -13.28 -4.65 -2.25
C GLN A 50 -14.53 -4.78 -3.10
N ARG A 51 -14.39 -5.45 -4.26
CA ARG A 51 -15.52 -5.63 -5.15
C ARG A 51 -16.63 -6.42 -4.48
N GLY A 52 -17.87 -6.04 -4.77
CA GLY A 52 -19.03 -6.70 -4.21
C GLY A 52 -19.34 -6.35 -2.77
N LEU A 53 -18.41 -5.74 -2.05
CA LEU A 53 -18.68 -5.36 -0.67
C LEU A 53 -19.63 -4.17 -0.64
N ASP A 54 -20.65 -4.25 0.21
CA ASP A 54 -21.63 -3.19 0.39
C ASP A 54 -21.71 -2.88 1.87
N VAL A 55 -20.86 -1.95 2.32
CA VAL A 55 -20.98 -1.47 3.69
C VAL A 55 -22.21 -0.59 3.80
N GLN A 56 -23.06 -0.88 4.78
CA GLN A 56 -24.31 -0.17 4.95
C GLN A 56 -24.32 0.78 6.14
N HIS A 57 -23.52 0.50 7.17
CA HIS A 57 -23.50 1.36 8.35
C HIS A 57 -22.19 1.18 9.09
N TYR A 58 -21.55 2.31 9.42
CA TYR A 58 -20.39 2.32 10.30
C TYR A 58 -20.84 2.80 11.68
N ASP A 59 -20.64 1.97 12.69
CA ASP A 59 -20.84 2.36 14.08
C ASP A 59 -19.46 2.53 14.71
N LEU A 60 -18.97 3.76 14.71
CA LEU A 60 -17.59 4.06 15.06
C LEU A 60 -17.54 4.75 16.42
N HIS A 61 -16.68 4.24 17.31
CA HIS A 61 -16.35 4.89 18.57
C HIS A 61 -14.89 5.29 18.49
N LEU A 62 -14.65 6.57 18.26
CA LEU A 62 -13.29 7.11 18.11
C LEU A 62 -12.91 7.88 19.36
N THR A 63 -11.71 7.64 19.86
CA THR A 63 -11.19 8.31 21.05
C THR A 63 -9.94 9.08 20.65
N VAL A 64 -10.02 10.40 20.71
CA VAL A 64 -8.90 11.27 20.37
C VAL A 64 -8.31 11.82 21.65
N PRO A 65 -7.18 11.30 22.13
CA PRO A 65 -6.65 11.72 23.43
C PRO A 65 -6.21 13.17 23.46
N ARG A 66 -5.44 13.60 22.46
CA ARG A 66 -4.92 14.97 22.40
C ARG A 66 -5.26 15.56 21.04
N PRO A 67 -6.32 16.39 20.96
CA PRO A 67 -6.65 17.03 19.69
C PRO A 67 -5.50 17.85 19.16
N GLY A 68 -5.20 17.68 17.88
CA GLY A 68 -4.04 18.27 17.24
C GLY A 68 -2.88 17.32 17.05
N GLU A 69 -2.90 16.16 17.72
CA GLU A 69 -1.89 15.14 17.52
C GLU A 69 -2.54 13.88 16.96
N PRO A 70 -1.89 13.19 16.03
CA PRO A 70 -2.62 12.22 15.20
C PRO A 70 -3.02 10.93 15.91
N HIS A 71 -2.43 10.58 17.05
CA HIS A 71 -2.77 9.30 17.67
C HIS A 71 -4.24 9.26 18.07
N LEU A 72 -4.82 8.05 18.01
CA LEU A 72 -6.20 7.81 18.38
C LEU A 72 -6.44 6.31 18.48
N SER A 73 -7.58 5.95 19.07
CA SER A 73 -8.03 4.57 19.16
C SER A 73 -9.41 4.46 18.52
N GLY A 74 -9.75 3.27 18.03
CA GLY A 74 -11.00 3.08 17.32
C GLY A 74 -11.69 1.80 17.71
N ASP A 75 -13.03 1.86 17.68
CA ASP A 75 -13.90 0.72 17.96
C ASP A 75 -15.08 0.84 17.00
N VAL A 76 -15.00 0.16 15.86
CA VAL A 76 -15.98 0.29 14.79
C VAL A 76 -16.63 -1.05 14.53
N THR A 77 -17.95 -1.03 14.34
CA THR A 77 -18.72 -2.18 13.88
C THR A 77 -19.33 -1.86 12.53
N LEU A 78 -18.95 -2.63 11.50
CA LEU A 78 -19.47 -2.46 10.16
C LEU A 78 -20.60 -3.44 9.90
N THR A 79 -21.75 -2.93 9.46
CA THR A 79 -22.82 -3.76 8.94
C THR A 79 -22.63 -3.85 7.43
N VAL A 80 -22.26 -5.03 6.95
CA VAL A 80 -21.83 -5.20 5.56
C VAL A 80 -22.80 -6.11 4.83
N GLY A 81 -23.04 -5.79 3.56
CA GLY A 81 -23.75 -6.67 2.65
C GLY A 81 -22.86 -7.03 1.49
N ALA A 82 -23.39 -7.74 0.50
CA ALA A 82 -22.56 -8.19 -0.61
C ALA A 82 -23.37 -8.24 -1.90
N ARG A 83 -22.74 -7.80 -2.99
CA ARG A 83 -23.30 -8.00 -4.33
C ARG A 83 -22.91 -9.35 -4.92
N GLU A 84 -21.86 -9.97 -4.38
CA GLU A 84 -21.41 -11.29 -4.79
C GLU A 84 -20.89 -12.00 -3.55
N PRO A 85 -20.85 -13.34 -3.56
CA PRO A 85 -20.35 -14.06 -2.38
C PRO A 85 -18.94 -13.61 -2.01
N LEU A 86 -18.74 -13.33 -0.72
CA LEU A 86 -17.46 -12.85 -0.21
C LEU A 86 -16.97 -13.80 0.87
N SER A 87 -15.85 -14.47 0.59
CA SER A 87 -15.21 -15.29 1.62
C SER A 87 -14.51 -14.44 2.67
N ARG A 88 -14.10 -13.23 2.31
CA ARG A 88 -13.32 -12.37 3.19
C ARG A 88 -13.86 -10.94 3.09
N ILE A 89 -13.76 -10.21 4.19
CA ILE A 89 -14.07 -8.79 4.22
C ILE A 89 -12.73 -8.04 4.25
N VAL A 90 -12.42 -7.37 3.15
CA VAL A 90 -11.16 -6.66 2.98
C VAL A 90 -11.44 -5.17 3.08
N LEU A 91 -10.94 -4.54 4.14
CA LEU A 91 -11.13 -3.12 4.38
C LEU A 91 -9.81 -2.38 4.21
N ASP A 92 -9.92 -1.10 3.87
CA ASP A 92 -8.76 -0.24 3.78
C ASP A 92 -8.40 0.33 5.14
N LEU A 93 -7.11 0.36 5.45
CA LEU A 93 -6.63 0.97 6.69
C LEU A 93 -5.15 1.30 6.52
N LEU A 94 -4.76 2.50 6.92
CA LEU A 94 -3.43 3.03 6.66
C LEU A 94 -2.95 3.77 7.90
N GLY A 95 -2.16 3.09 8.73
CA GLY A 95 -1.61 3.70 9.92
C GLY A 95 -1.88 2.92 11.18
N PRO A 96 -3.12 3.01 11.69
CA PRO A 96 -3.47 2.31 12.93
C PRO A 96 -3.36 0.81 12.77
N ARG A 97 -3.20 0.13 13.89
CA ARG A 97 -3.05 -1.33 13.93
C ARG A 97 -4.27 -1.96 14.58
N VAL A 98 -4.83 -2.97 13.92
CA VAL A 98 -5.97 -3.69 14.47
C VAL A 98 -5.48 -4.57 15.62
N SER A 99 -6.20 -4.54 16.74
CA SER A 99 -5.88 -5.38 17.88
C SER A 99 -6.82 -6.56 18.03
N ALA A 100 -8.10 -6.40 17.68
CA ALA A 100 -9.06 -7.48 17.79
C ALA A 100 -10.09 -7.35 16.67
N ALA A 101 -10.74 -8.46 16.37
CA ALA A 101 -11.77 -8.48 15.33
C ALA A 101 -12.84 -9.49 15.71
N GLN A 102 -14.09 -9.13 15.44
CA GLN A 102 -15.21 -10.02 15.67
C GLN A 102 -16.15 -9.98 14.46
N TRP A 103 -16.84 -11.09 14.23
CA TRP A 103 -17.84 -11.21 13.17
C TRP A 103 -19.13 -11.73 13.78
N ASN A 104 -20.17 -10.90 13.74
CA ASN A 104 -21.46 -11.23 14.36
C ASN A 104 -21.32 -11.53 15.84
N GLY A 105 -20.38 -10.86 16.51
CA GLY A 105 -20.19 -10.99 17.93
C GLY A 105 -19.23 -12.08 18.37
N GLN A 106 -18.67 -12.84 17.44
CA GLN A 106 -17.73 -13.90 17.77
C GLN A 106 -16.35 -13.55 17.23
N ARG A 107 -15.32 -13.99 17.95
CA ARG A 107 -13.94 -13.80 17.48
C ARG A 107 -13.76 -14.43 16.10
N VAL A 108 -12.99 -13.76 15.26
CA VAL A 108 -12.82 -14.15 13.87
C VAL A 108 -11.36 -13.98 13.48
N ARG A 109 -10.94 -14.77 12.50
CA ARG A 109 -9.58 -14.69 12.00
C ARG A 109 -9.42 -13.47 11.10
N TRP A 110 -8.30 -12.76 11.27
CA TRP A 110 -8.06 -11.53 10.55
C TRP A 110 -6.56 -11.32 10.40
N VAL A 111 -6.17 -10.60 9.36
CA VAL A 111 -4.77 -10.28 9.11
C VAL A 111 -4.69 -8.88 8.52
N GLN A 112 -3.76 -8.08 9.04
CA GLN A 112 -3.49 -6.74 8.53
C GLN A 112 -2.26 -6.79 7.64
N THR A 113 -2.43 -6.48 6.36
CA THR A 113 -1.36 -6.62 5.38
C THR A 113 -1.29 -5.36 4.54
N ALA A 114 -0.12 -4.72 4.51
CA ALA A 114 0.08 -3.47 3.80
C ALA A 114 -0.97 -2.45 4.21
N GLN A 115 -1.81 -2.04 3.26
CA GLN A 115 -2.87 -1.07 3.51
C GLN A 115 -4.25 -1.73 3.56
N LYS A 116 -4.31 -3.02 3.90
CA LYS A 116 -5.56 -3.75 3.94
C LYS A 116 -5.65 -4.57 5.22
N VAL A 117 -6.88 -4.77 5.68
CA VAL A 117 -7.20 -5.68 6.78
C VAL A 117 -8.17 -6.73 6.22
N GLU A 118 -7.71 -7.97 6.13
CA GLU A 118 -8.51 -9.06 5.57
C GLU A 118 -9.07 -9.92 6.68
N VAL A 119 -10.38 -10.12 6.67
CA VAL A 119 -11.09 -10.88 7.71
C VAL A 119 -11.70 -12.12 7.06
N THR A 120 -11.23 -13.29 7.47
CA THR A 120 -11.76 -14.56 6.98
C THR A 120 -13.07 -14.88 7.69
N LEU A 121 -14.16 -14.99 6.94
CA LEU A 121 -15.43 -15.30 7.56
C LEU A 121 -15.59 -16.81 7.76
N PRO A 122 -16.32 -17.23 8.79
CA PRO A 122 -16.56 -18.67 8.98
C PRO A 122 -17.27 -19.32 7.81
N ARG A 123 -18.16 -18.58 7.14
CA ARG A 123 -18.85 -19.01 5.93
C ARG A 123 -19.06 -17.78 5.07
N PRO A 124 -19.12 -17.92 3.75
CA PRO A 124 -19.19 -16.74 2.88
C PRO A 124 -20.42 -15.88 3.15
N LEU A 125 -20.22 -14.56 3.07
CA LEU A 125 -21.33 -13.61 3.10
C LEU A 125 -21.95 -13.54 1.71
N ARG A 126 -23.23 -13.88 1.61
CA ARG A 126 -23.88 -14.01 0.33
C ARG A 126 -24.92 -12.90 0.14
N PRO A 127 -25.19 -12.51 -1.11
CA PRO A 127 -26.12 -11.39 -1.35
C PRO A 127 -27.47 -11.62 -0.68
N GLY A 128 -27.99 -10.56 -0.06
CA GLY A 128 -29.21 -10.61 0.70
C GLY A 128 -29.01 -10.68 2.20
N GLU A 129 -27.85 -11.13 2.66
CA GLU A 129 -27.57 -11.25 4.08
C GLU A 129 -26.60 -10.15 4.52
N THR A 130 -26.68 -9.81 5.80
CA THR A 130 -25.82 -8.82 6.41
C THR A 130 -25.10 -9.42 7.61
N GLY A 131 -23.93 -8.86 7.93
CA GLY A 131 -23.19 -9.27 9.10
C GLY A 131 -22.63 -8.06 9.83
N ARG A 132 -22.15 -8.31 11.05
CA ARG A 132 -21.56 -7.28 11.88
C ARG A 132 -20.08 -7.57 12.06
N LEU A 133 -19.24 -6.68 11.54
CA LEU A 133 -17.79 -6.80 11.64
C LEU A 133 -17.28 -5.74 12.60
N ARG A 134 -16.73 -6.17 13.73
CA ARG A 134 -16.22 -5.27 14.76
C ARG A 134 -14.71 -5.33 14.76
N LEU A 135 -14.06 -4.16 14.78
CA LEU A 135 -12.61 -4.05 14.76
C LEU A 135 -12.16 -3.08 15.84
N ILE A 136 -11.21 -3.51 16.64
CA ILE A 136 -10.57 -2.66 17.65
C ILE A 136 -9.19 -2.29 17.12
N TYR A 137 -8.92 -1.00 17.04
CA TYR A 137 -7.66 -0.54 16.45
C TYR A 137 -7.19 0.72 17.18
N ALA A 138 -5.89 0.98 17.04
CA ALA A 138 -5.27 2.14 17.65
C ALA A 138 -3.96 2.41 16.92
N GLY A 139 -3.50 3.65 17.02
CA GLY A 139 -2.26 4.04 16.38
C GLY A 139 -2.31 5.43 15.77
N THR A 140 -1.47 5.64 14.75
CA THR A 140 -1.33 6.96 14.14
C THR A 140 -1.79 6.88 12.68
N PRO A 141 -2.84 7.62 12.30
CA PRO A 141 -3.23 7.65 10.89
C PRO A 141 -2.13 8.21 10.00
N GLU A 142 -1.98 7.61 8.83
CA GLU A 142 -0.99 8.03 7.85
C GLU A 142 -1.67 8.85 6.76
N LEU A 143 -1.06 9.98 6.42
CA LEU A 143 -1.58 10.80 5.34
C LEU A 143 -1.17 10.20 4.00
N SER A 144 -2.09 10.24 3.04
CA SER A 144 -1.82 9.78 1.68
C SER A 144 -1.31 10.96 0.87
N GLY A 145 0.01 11.09 0.78
CA GLY A 145 0.61 12.21 0.07
C GLY A 145 0.74 11.92 -1.41
N ASP A 146 -0.39 11.80 -2.08
CA ASP A 146 -0.39 11.44 -3.50
C ASP A 146 0.15 12.60 -4.33
N PRO A 147 0.93 12.31 -5.38
CA PRO A 147 1.67 13.39 -6.06
C PRO A 147 0.78 14.43 -6.72
N GLY A 148 -0.28 14.01 -7.41
CA GLY A 148 -1.09 14.93 -8.19
C GLY A 148 -2.35 15.42 -7.50
N LEU A 149 -2.36 15.38 -6.19
CA LEU A 149 -3.58 15.84 -5.55
C LEU A 149 -3.42 17.22 -4.95
N PRO A 150 -4.48 18.04 -4.95
CA PRO A 150 -4.39 19.38 -4.37
C PRO A 150 -4.24 19.38 -2.86
N ILE A 151 -4.47 18.25 -2.20
CA ILE A 151 -4.33 18.13 -0.75
C ILE A 151 -3.67 16.79 -0.44
N ARG A 152 -3.25 16.63 0.81
CA ARG A 152 -2.82 15.35 1.33
C ARG A 152 -3.98 14.74 2.11
N PRO A 153 -4.79 13.86 1.52
CA PRO A 153 -6.01 13.42 2.19
C PRO A 153 -5.70 12.49 3.36
N GLY A 154 -6.48 12.65 4.42
CA GLY A 154 -6.38 11.81 5.60
C GLY A 154 -6.64 12.60 6.86
N TRP A 155 -6.28 11.99 7.99
CA TRP A 155 -6.46 12.61 9.30
C TRP A 155 -5.52 13.80 9.43
N GLN A 156 -6.09 15.00 9.54
CA GLN A 156 -5.32 16.23 9.62
C GLN A 156 -5.09 16.64 11.07
N ASN A 157 -3.94 17.25 11.33
CA ASN A 157 -3.57 17.63 12.69
C ASN A 157 -2.79 18.94 12.63
N GLU A 158 -3.36 20.00 13.19
CA GLU A 158 -2.70 21.30 13.19
C GLU A 158 -3.45 22.26 14.11
N ALA A 159 -2.68 23.01 14.91
CA ALA A 159 -3.22 24.07 15.76
C ALA A 159 -4.29 23.56 16.73
N GLY A 160 -3.95 22.50 17.44
CA GLY A 160 -4.88 21.92 18.40
C GLY A 160 -6.14 21.33 17.82
N LEU A 161 -6.18 21.13 16.51
CA LEU A 161 -7.36 20.60 15.83
C LEU A 161 -6.99 19.32 15.09
N SER A 162 -7.84 18.31 15.21
CA SER A 162 -7.75 17.11 14.40
C SER A 162 -9.07 16.92 13.68
N TYR A 163 -8.99 16.70 12.37
CA TYR A 163 -10.18 16.66 11.53
C TYR A 163 -9.88 15.84 10.29
N SER A 164 -10.94 15.36 9.66
CA SER A 164 -10.83 14.54 8.46
C SER A 164 -10.99 15.43 7.23
N LEU A 165 -10.04 15.30 6.30
CA LEU A 165 -10.10 15.95 4.99
C LEU A 165 -9.56 14.91 4.01
N SER A 166 -10.42 13.95 3.67
CA SER A 166 -9.98 12.65 3.21
C SER A 166 -10.30 12.36 1.74
N GLU A 167 -10.85 13.31 1.00
CA GLU A 167 -11.10 13.06 -0.41
C GLU A 167 -9.78 13.09 -1.16
N PRO A 168 -9.47 12.06 -1.97
CA PRO A 168 -10.35 10.94 -2.30
C PRO A 168 -10.23 9.72 -1.39
N HIS A 169 -9.02 9.35 -0.99
CA HIS A 169 -8.75 8.07 -0.33
C HIS A 169 -7.99 8.26 0.97
N GLY A 170 -8.46 9.20 1.79
CA GLY A 170 -7.80 9.45 3.07
C GLY A 170 -8.52 8.87 4.27
N THR A 171 -9.79 8.49 4.09
CA THR A 171 -10.57 7.98 5.21
C THR A 171 -9.97 6.72 5.79
N ARG A 172 -9.34 5.89 4.96
CA ARG A 172 -8.66 4.69 5.44
C ARG A 172 -7.57 5.00 6.46
N GLY A 173 -7.17 6.25 6.60
CA GLY A 173 -6.13 6.58 7.55
C GLY A 173 -6.57 6.44 8.99
N PHE A 174 -7.82 6.82 9.29
CA PHE A 174 -8.33 6.76 10.65
C PHE A 174 -9.53 5.84 10.82
N LEU A 175 -9.96 5.14 9.76
CA LEU A 175 -11.13 4.29 9.85
C LEU A 175 -11.02 3.11 8.89
N PRO A 176 -11.08 1.87 9.39
CA PRO A 176 -11.14 0.70 8.48
C PRO A 176 -12.41 0.76 7.64
N CYS A 177 -12.22 0.78 6.31
CA CYS A 177 -13.33 1.17 5.45
C CYS A 177 -13.16 0.56 4.07
N ASN A 178 -14.30 0.32 3.42
CA ASN A 178 -14.36 0.19 1.97
C ASN A 178 -14.16 1.56 1.34
N ASP A 179 -12.91 1.97 1.13
CA ASP A 179 -12.60 3.37 0.84
C ASP A 179 -12.76 3.65 -0.66
N HIS A 180 -14.01 3.70 -1.09
CA HIS A 180 -14.31 4.04 -2.47
C HIS A 180 -15.67 4.73 -2.52
N PRO A 181 -15.82 5.76 -3.36
CA PRO A 181 -17.11 6.47 -3.43
C PRO A 181 -18.23 5.64 -4.03
N SER A 182 -17.93 4.48 -4.63
CA SER A 182 -18.97 3.62 -5.16
C SER A 182 -19.73 2.86 -4.08
N ASP A 183 -19.29 2.95 -2.83
CA ASP A 183 -19.91 2.24 -1.71
C ASP A 183 -20.21 3.22 -0.59
N PRO A 184 -21.22 4.08 -0.77
CA PRO A 184 -21.64 4.95 0.33
C PRO A 184 -22.27 4.15 1.45
N ALA A 185 -22.32 4.77 2.63
CA ALA A 185 -22.88 4.11 3.80
C ALA A 185 -23.34 5.16 4.79
N THR A 186 -24.14 4.71 5.75
CA THR A 186 -24.54 5.56 6.86
C THR A 186 -23.50 5.44 7.97
N PHE A 187 -23.46 6.48 8.81
CA PHE A 187 -22.45 6.57 9.85
C PHE A 187 -23.11 6.93 11.17
N THR A 188 -22.65 6.28 12.24
CA THR A 188 -22.93 6.72 13.60
C THR A 188 -21.57 6.81 14.30
N VAL A 189 -21.18 8.02 14.67
CA VAL A 189 -19.86 8.26 15.26
C VAL A 189 -20.07 8.65 16.71
N ARG A 190 -19.25 8.05 17.58
CA ARG A 190 -19.28 8.28 19.02
C ARG A 190 -17.89 8.76 19.38
N VAL A 191 -17.72 10.08 19.48
CA VAL A 191 -16.40 10.71 19.62
C VAL A 191 -16.11 10.95 21.09
N THR A 192 -15.00 10.41 21.57
CA THR A 192 -14.55 10.61 22.94
C THR A 192 -13.36 11.56 22.93
N VAL A 193 -13.49 12.68 23.65
CA VAL A 193 -12.50 13.75 23.65
C VAL A 193 -12.30 14.24 25.07
N PRO A 194 -11.19 14.95 25.33
CA PRO A 194 -11.04 15.60 26.64
C PRO A 194 -12.17 16.58 26.91
N ALA A 195 -12.45 16.77 28.20
CA ALA A 195 -13.51 17.69 28.60
C ALA A 195 -13.26 19.11 28.09
N SER A 196 -11.99 19.53 28.10
CA SER A 196 -11.66 20.88 27.64
C SER A 196 -12.02 21.10 26.18
N ALA A 197 -12.06 20.03 25.38
CA ALA A 197 -12.33 20.14 23.96
C ALA A 197 -13.77 19.71 23.67
N SER A 198 -14.10 19.68 22.38
CA SER A 198 -15.39 19.20 21.91
C SER A 198 -15.19 18.58 20.53
N ALA A 199 -16.29 18.20 19.89
CA ALA A 199 -16.20 17.49 18.62
C ALA A 199 -17.49 17.72 17.83
N ALA A 200 -17.38 17.53 16.51
CA ALA A 200 -18.51 17.60 15.62
C ALA A 200 -18.29 16.65 14.46
N ALA A 201 -19.31 15.87 14.12
CA ALA A 201 -19.29 14.97 12.98
C ALA A 201 -20.54 15.18 12.13
N SER A 202 -20.53 14.58 10.94
CA SER A 202 -21.69 14.65 10.08
C SER A 202 -22.87 13.90 10.71
N GLY A 203 -24.06 14.44 10.49
CA GLY A 203 -25.27 13.92 11.07
C GLY A 203 -25.73 14.78 12.24
N LEU A 204 -26.94 14.48 12.70
CA LEU A 204 -27.51 15.26 13.78
C LEU A 204 -26.87 14.86 15.11
N PHE A 205 -26.50 15.86 15.89
CA PHE A 205 -25.90 15.63 17.20
C PHE A 205 -27.00 15.20 18.17
N THR A 206 -26.85 14.02 18.76
CA THR A 206 -27.88 13.52 19.65
C THR A 206 -27.49 13.72 21.11
N THR A 207 -26.50 12.97 21.59
CA THR A 207 -26.20 12.93 23.01
C THR A 207 -24.75 13.33 23.27
N GLN A 208 -24.50 13.82 24.47
CA GLN A 208 -23.17 14.08 24.98
C GLN A 208 -23.12 13.69 26.44
N THR A 209 -22.13 12.88 26.80
CA THR A 209 -21.92 12.45 28.17
C THR A 209 -20.49 12.73 28.59
N GLU A 210 -20.26 12.75 29.90
CA GLU A 210 -18.97 13.15 30.45
C GLU A 210 -18.70 12.35 31.71
N ARG A 211 -17.48 11.85 31.83
CA ARG A 211 -17.07 11.07 33.00
C ARG A 211 -15.55 11.00 33.04
N ASN A 212 -15.01 11.06 34.26
CA ASN A 212 -13.57 11.03 34.50
C ASN A 212 -12.84 12.01 33.57
N GLY A 213 -13.37 13.22 33.49
CA GLY A 213 -12.76 14.25 32.67
C GLY A 213 -12.74 13.99 31.19
N LEU A 214 -13.58 13.08 30.69
CA LEU A 214 -13.67 12.77 29.27
C LEU A 214 -15.11 12.99 28.79
N LYS A 215 -15.24 13.44 27.55
CA LYS A 215 -16.53 13.76 26.96
C LYS A 215 -16.79 12.86 25.75
N THR A 216 -18.05 12.46 25.58
CA THR A 216 -18.45 11.56 24.50
C THR A 216 -19.63 12.18 23.76
N LEU A 217 -19.44 12.46 22.47
CA LEU A 217 -20.49 13.00 21.62
C LEU A 217 -20.87 12.01 20.53
N THR A 218 -22.17 11.91 20.26
CA THR A 218 -22.70 10.99 19.27
C THR A 218 -23.35 11.76 18.13
N PHE A 219 -23.04 11.36 16.90
CA PHE A 219 -23.65 11.92 15.70
C PHE A 219 -24.12 10.80 14.81
N THR A 220 -25.25 11.01 14.13
CA THR A 220 -25.88 9.98 13.30
C THR A 220 -26.08 10.53 11.90
N GLN A 221 -25.29 10.04 10.94
CA GLN A 221 -25.46 10.37 9.54
C GLN A 221 -26.43 9.36 8.95
N ARG A 222 -27.69 9.75 8.83
CA ARG A 222 -28.77 8.83 8.47
C ARG A 222 -29.01 8.72 6.98
N VAL A 223 -28.28 9.45 6.15
CA VAL A 223 -28.37 9.27 4.71
C VAL A 223 -27.02 8.80 4.20
N PRO A 224 -26.96 7.82 3.31
CA PRO A 224 -25.66 7.23 2.93
C PRO A 224 -24.84 8.19 2.09
N VAL A 225 -23.56 8.30 2.44
CA VAL A 225 -22.60 9.16 1.74
C VAL A 225 -21.25 8.45 1.71
N PRO A 226 -20.37 8.87 0.79
CA PRO A 226 -19.04 8.23 0.72
C PRO A 226 -18.23 8.43 1.99
N THR A 227 -17.22 7.58 2.14
CA THR A 227 -16.35 7.64 3.33
C THR A 227 -15.70 9.01 3.48
N TYR A 228 -15.21 9.57 2.38
CA TYR A 228 -14.57 10.90 2.46
C TYR A 228 -15.57 11.99 2.81
N ALA A 229 -16.87 11.73 2.64
CA ALA A 229 -17.90 12.69 2.99
C ALA A 229 -18.24 12.70 4.48
N LEU A 230 -17.61 11.83 5.28
CA LEU A 230 -17.87 11.78 6.71
C LEU A 230 -17.08 12.87 7.41
N GLY A 231 -17.79 13.87 7.93
CA GLY A 231 -17.14 14.93 8.69
C GLY A 231 -16.78 14.45 10.09
N LEU A 232 -15.63 14.90 10.58
CA LEU A 232 -15.17 14.55 11.91
C LEU A 232 -14.12 15.57 12.31
N ILE A 233 -14.45 16.41 13.30
CA ILE A 233 -13.55 17.45 13.78
C ILE A 233 -13.55 17.41 15.30
N VAL A 234 -12.35 17.55 15.89
CA VAL A 234 -12.20 17.59 17.34
C VAL A 234 -11.26 18.72 17.70
N GLY A 235 -11.51 19.34 18.85
CA GLY A 235 -10.72 20.45 19.31
C GLY A 235 -11.58 21.60 19.81
N PRO A 236 -11.00 22.80 19.92
CA PRO A 236 -11.76 23.95 20.40
C PRO A 236 -12.76 24.46 19.38
N LEU A 237 -14.02 24.06 19.53
CA LEU A 237 -15.07 24.45 18.59
C LEU A 237 -16.38 24.64 19.36
N GLU A 238 -17.23 25.50 18.83
CA GLU A 238 -18.51 25.82 19.44
C GLU A 238 -19.62 25.60 18.43
N ARG A 239 -20.70 24.97 18.87
CA ARG A 239 -21.86 24.76 18.01
C ARG A 239 -22.67 26.04 17.95
N ARG A 240 -23.28 26.29 16.79
CA ARG A 240 -24.18 27.42 16.64
C ARG A 240 -25.33 27.00 15.73
N THR A 241 -26.54 27.00 16.27
CA THR A 241 -27.73 26.66 15.51
C THR A 241 -28.39 27.90 14.92
N ALA A 242 -29.13 27.67 13.84
CA ALA A 242 -29.95 28.67 13.17
C ALA A 242 -31.35 28.11 13.02
N PRO A 243 -32.35 28.97 12.77
CA PRO A 243 -33.71 28.47 12.59
C PRO A 243 -33.80 27.45 11.46
N ASP A 244 -34.78 26.55 11.58
CA ASP A 244 -35.03 25.56 10.55
C ASP A 244 -35.27 26.23 9.20
N VAL A 245 -34.94 25.51 8.13
CA VAL A 245 -35.21 25.95 6.77
C VAL A 245 -36.24 24.99 6.16
N GLN A 246 -37.35 25.53 5.71
CA GLN A 246 -38.44 24.74 5.15
C GLN A 246 -38.36 24.79 3.63
N LEU A 247 -38.18 23.63 3.01
CA LEU A 247 -38.13 23.47 1.56
C LEU A 247 -39.36 22.68 1.14
N GLY A 248 -40.49 23.36 1.04
CA GLY A 248 -41.74 22.66 0.84
C GLY A 248 -42.10 21.87 2.09
N THR A 249 -42.39 20.59 1.91
CA THR A 249 -42.67 19.71 3.03
C THR A 249 -41.42 19.29 3.79
N GLN A 250 -40.26 19.35 3.14
CA GLN A 250 -39.01 18.93 3.77
C GLN A 250 -38.50 19.99 4.76
N THR A 251 -37.99 19.53 5.89
CA THR A 251 -37.39 20.38 6.91
C THR A 251 -35.90 20.10 6.98
N VAL A 252 -35.09 21.15 6.94
CA VAL A 252 -33.64 21.05 6.98
C VAL A 252 -33.14 21.83 8.19
N HIS A 253 -32.54 21.12 9.15
CA HIS A 253 -32.01 21.77 10.33
C HIS A 253 -30.75 22.57 9.97
N ARG A 254 -30.45 23.56 10.80
CA ARG A 254 -29.36 24.50 10.53
C ARG A 254 -28.46 24.58 11.76
N ARG A 255 -27.18 24.29 11.57
CA ARG A 255 -26.18 24.49 12.61
C ARG A 255 -24.82 24.66 11.96
N ASP A 256 -24.01 25.54 12.53
CA ASP A 256 -22.64 25.76 12.07
C ASP A 256 -21.68 25.54 13.23
N ILE A 257 -20.46 25.17 12.91
CA ILE A 257 -19.40 24.95 13.90
C ILE A 257 -18.37 26.05 13.74
N TYR A 258 -18.01 26.69 14.86
CA TYR A 258 -17.01 27.76 14.87
C TYR A 258 -15.86 27.31 15.77
N ALA A 259 -14.74 26.99 15.16
CA ALA A 259 -13.54 26.70 15.93
C ALA A 259 -12.98 27.97 16.54
N ALA A 260 -12.15 27.81 17.56
CA ALA A 260 -11.56 28.97 18.21
C ALA A 260 -10.47 29.58 17.34
N GLY A 261 -10.28 30.89 17.49
CA GLY A 261 -9.23 31.60 16.81
C GLY A 261 -9.45 31.82 15.33
N LEU A 262 -10.71 32.00 14.91
CA LEU A 262 -10.97 32.30 13.51
C LEU A 262 -10.62 33.75 13.21
N PRO A 263 -10.19 34.05 11.99
CA PRO A 263 -9.92 35.44 11.62
C PRO A 263 -11.19 36.29 11.75
N ALA A 264 -10.99 37.57 12.02
CA ALA A 264 -12.11 38.51 12.10
C ALA A 264 -12.86 38.54 10.78
N GLY A 265 -14.18 38.48 10.85
CA GLY A 265 -15.01 38.46 9.66
C GLY A 265 -15.30 37.10 9.09
N THR A 266 -14.89 36.03 9.77
CA THR A 266 -15.18 34.67 9.31
C THR A 266 -16.59 34.33 9.74
N THR A 267 -17.55 34.54 8.84
CA THR A 267 -18.96 34.43 9.18
C THR A 267 -19.71 33.70 8.07
N VAL A 268 -20.97 33.41 8.36
CA VAL A 268 -21.96 32.95 7.40
C VAL A 268 -23.02 34.04 7.28
N PRO A 269 -23.11 34.75 6.15
CA PRO A 269 -24.10 35.82 6.03
C PRO A 269 -25.51 35.34 6.37
N GLU A 270 -26.17 36.08 7.25
CA GLU A 270 -27.51 35.71 7.69
C GLU A 270 -28.45 35.58 6.50
N GLY A 271 -29.20 34.48 6.47
CA GLY A 271 -30.15 34.22 5.40
C GLY A 271 -29.56 33.67 4.13
N GLU A 272 -28.22 33.66 3.98
CA GLU A 272 -27.62 33.20 2.74
C GLU A 272 -27.84 31.70 2.53
N THR A 273 -27.57 30.90 3.55
CA THR A 273 -27.70 29.45 3.40
C THR A 273 -29.14 29.04 3.13
N ALA A 274 -30.11 29.76 3.70
CA ALA A 274 -31.51 29.46 3.40
C ALA A 274 -31.81 29.72 1.93
N ARG A 275 -31.38 30.86 1.42
CA ARG A 275 -31.62 31.17 0.00
C ARG A 275 -30.89 30.18 -0.90
N MET A 276 -29.63 29.86 -0.57
CA MET A 276 -28.90 28.88 -1.36
C MET A 276 -29.61 27.53 -1.38
N LEU A 277 -30.15 27.10 -0.24
CA LEU A 277 -30.85 25.82 -0.18
C LEU A 277 -32.05 25.81 -1.12
N ARG A 278 -32.83 26.89 -1.14
CA ARG A 278 -34.03 26.92 -1.98
C ARG A 278 -33.66 26.95 -3.45
N VAL A 279 -32.67 27.77 -3.83
CA VAL A 279 -32.29 27.89 -5.23
C VAL A 279 -31.76 26.55 -5.75
N LEU A 280 -30.88 25.91 -4.99
CA LEU A 280 -30.30 24.65 -5.44
C LEU A 280 -31.32 23.52 -5.42
N SER A 281 -32.11 23.43 -4.34
CA SER A 281 -33.13 22.38 -4.28
CA SER A 281 -33.13 22.38 -4.27
C SER A 281 -34.18 22.54 -5.36
N ASP A 282 -34.44 23.78 -5.79
CA ASP A 282 -35.38 24.01 -6.87
C ASP A 282 -34.85 23.50 -8.20
N TRP A 283 -33.54 23.34 -8.33
CA TRP A 283 -32.91 22.82 -9.54
C TRP A 283 -32.72 21.31 -9.49
N PHE A 284 -32.40 20.76 -8.31
CA PHE A 284 -31.92 19.39 -8.20
C PHE A 284 -32.91 18.43 -7.57
N GLY A 285 -33.92 18.93 -6.87
CA GLY A 285 -34.78 18.09 -6.07
C GLY A 285 -34.50 18.32 -4.59
N PRO A 286 -35.24 17.62 -3.72
CA PRO A 286 -35.10 17.87 -2.28
C PRO A 286 -33.67 17.70 -1.80
N TYR A 287 -33.31 18.51 -0.80
CA TYR A 287 -32.01 18.38 -0.15
C TYR A 287 -31.88 16.99 0.45
N PRO A 288 -30.82 16.25 0.16
CA PRO A 288 -30.77 14.83 0.53
C PRO A 288 -30.52 14.56 2.01
N ASP A 289 -30.29 15.57 2.83
CA ASP A 289 -29.86 15.37 4.21
C ASP A 289 -30.82 16.08 5.15
N GLU A 290 -30.61 15.88 6.45
CA GLU A 290 -31.48 16.45 7.47
C GLU A 290 -30.96 17.76 8.03
N VAL A 291 -29.69 18.10 7.80
CA VAL A 291 -29.08 19.29 8.36
C VAL A 291 -28.05 19.80 7.36
N TYR A 292 -27.81 21.11 7.38
CA TYR A 292 -26.68 21.66 6.66
C TYR A 292 -26.06 22.79 7.46
N GLY A 293 -24.75 22.95 7.27
CA GLY A 293 -24.00 24.02 7.89
C GLY A 293 -22.55 23.89 7.49
N VAL A 294 -21.73 24.79 8.02
CA VAL A 294 -20.30 24.75 7.77
C VAL A 294 -19.58 24.63 9.10
N ALA A 295 -18.39 24.03 9.06
CA ALA A 295 -17.50 23.94 10.20
C ALA A 295 -16.28 24.81 9.87
N LEU A 296 -16.33 26.07 10.31
CA LEU A 296 -15.29 27.04 9.99
C LEU A 296 -14.07 26.78 10.86
N LEU A 297 -12.94 26.45 10.21
CA LEU A 297 -11.69 26.15 10.87
C LEU A 297 -10.66 27.24 10.61
N PRO A 298 -9.82 27.57 11.60
CA PRO A 298 -8.87 28.68 11.41
C PRO A 298 -7.63 28.28 10.64
N VAL A 299 -7.74 27.22 9.86
CA VAL A 299 -6.60 26.70 9.11
C VAL A 299 -6.69 27.20 7.68
N ARG A 300 -5.65 26.92 6.89
CA ARG A 300 -5.56 27.37 5.50
C ARG A 300 -5.58 26.15 4.59
N GLN A 301 -6.73 25.89 3.98
CA GLN A 301 -6.93 24.66 3.24
C GLN A 301 -8.18 24.79 2.39
N LEU A 302 -8.28 23.94 1.37
CA LEU A 302 -9.48 23.88 0.55
C LEU A 302 -10.67 23.39 1.37
N ALA A 303 -11.87 23.75 0.90
CA ALA A 303 -13.09 23.28 1.54
C ALA A 303 -13.45 21.90 1.03
N LEU A 304 -14.05 21.10 1.91
CA LEU A 304 -14.48 19.75 1.59
C LEU A 304 -15.95 19.59 1.93
N GLU A 305 -16.71 19.01 1.02
CA GLU A 305 -18.16 18.90 1.14
C GLU A 305 -18.59 17.79 2.09
N THR A 306 -18.01 17.74 3.28
CA THR A 306 -18.40 16.71 4.24
C THR A 306 -19.91 16.79 4.50
N ALA A 307 -20.53 15.63 4.64
CA ALA A 307 -21.99 15.51 4.54
C ALA A 307 -22.69 16.37 5.59
N GLY A 308 -23.61 17.22 5.14
CA GLY A 308 -24.43 18.03 6.01
C GLY A 308 -23.67 19.00 6.91
N LEU A 309 -22.35 19.02 6.78
CA LEU A 309 -21.51 19.89 7.59
C LEU A 309 -20.18 20.03 6.84
N THR A 310 -20.11 21.04 5.99
CA THR A 310 -18.95 21.21 5.12
C THR A 310 -17.73 21.62 5.96
N THR A 311 -16.62 20.92 5.76
CA THR A 311 -15.36 21.29 6.38
C THR A 311 -14.81 22.51 5.64
N MET A 312 -14.87 23.67 6.29
CA MET A 312 -14.62 24.97 5.64
C MET A 312 -13.47 25.67 6.34
N PRO A 313 -12.23 25.46 5.91
CA PRO A 313 -11.13 26.32 6.35
C PRO A 313 -11.41 27.78 5.99
N ALA A 314 -11.01 28.68 6.87
CA ALA A 314 -11.38 30.08 6.73
C ALA A 314 -10.90 30.70 5.42
N THR A 315 -9.75 30.26 4.91
CA THR A 315 -9.21 30.83 3.68
C THR A 315 -10.03 30.50 2.45
N SER A 316 -11.03 29.62 2.56
CA SER A 316 -11.92 29.31 1.47
C SER A 316 -13.34 29.79 1.70
N ASN A 317 -13.62 30.37 2.86
CA ASN A 317 -14.97 30.79 3.20
C ASN A 317 -15.42 31.97 2.34
N ARG A 318 -16.01 31.66 1.19
CA ARG A 318 -16.54 32.66 0.27
C ARG A 318 -17.93 32.23 -0.16
N GLU A 319 -18.67 33.17 -0.76
CA GLU A 319 -20.04 32.86 -1.16
C GLU A 319 -20.08 31.74 -2.20
N ARG A 320 -19.16 31.77 -3.16
CA ARG A 320 -19.21 30.81 -4.25
C ARG A 320 -18.63 29.46 -3.84
N VAL A 321 -17.84 29.42 -2.76
CA VAL A 321 -17.38 28.15 -2.22
C VAL A 321 -18.40 27.55 -1.26
N ARG A 322 -19.14 28.38 -0.53
CA ARG A 322 -20.23 27.87 0.29
C ARG A 322 -21.35 27.29 -0.57
N LEU A 323 -21.69 27.98 -1.67
CA LEU A 323 -22.63 27.42 -2.63
C LEU A 323 -22.07 26.15 -3.25
N HIS A 324 -20.81 26.19 -3.68
CA HIS A 324 -20.13 25.03 -4.25
C HIS A 324 -20.27 23.81 -3.33
N ALA A 325 -19.82 23.96 -2.08
CA ALA A 325 -19.88 22.86 -1.12
C ALA A 325 -21.30 22.35 -0.95
N LEU A 326 -22.28 23.27 -0.88
CA LEU A 326 -23.67 22.85 -0.72
C LEU A 326 -24.14 22.05 -1.94
N ALA A 327 -23.76 22.48 -3.14
CA ALA A 327 -24.13 21.75 -4.35
C ALA A 327 -23.63 20.32 -4.29
N HIS A 328 -22.42 20.12 -3.75
CA HIS A 328 -21.83 18.79 -3.66
C HIS A 328 -22.64 17.85 -2.77
N GLN A 329 -23.43 18.38 -1.84
CA GLN A 329 -24.33 17.54 -1.05
C GLN A 329 -25.24 16.73 -1.96
N TRP A 330 -25.63 17.29 -3.11
CA TRP A 330 -26.31 16.53 -4.14
C TRP A 330 -25.31 15.71 -4.95
N PHE A 331 -24.46 16.41 -5.71
CA PHE A 331 -23.54 15.77 -6.66
C PHE A 331 -22.23 15.46 -5.95
N GLY A 332 -22.09 14.22 -5.50
CA GLY A 332 -20.89 13.81 -4.78
C GLY A 332 -21.21 13.04 -3.51
N ASP A 333 -22.10 13.59 -2.68
CA ASP A 333 -22.49 12.93 -1.44
C ASP A 333 -23.70 12.03 -1.62
N GLN A 334 -24.73 12.51 -2.32
CA GLN A 334 -25.87 11.67 -2.65
C GLN A 334 -25.62 10.87 -3.92
N VAL A 335 -25.35 11.56 -5.02
CA VAL A 335 -24.93 10.92 -6.26
C VAL A 335 -23.43 10.73 -6.18
N THR A 336 -22.99 9.48 -6.02
CA THR A 336 -21.59 9.17 -5.78
C THR A 336 -20.96 8.57 -7.03
N LEU A 337 -19.64 8.69 -7.10
CA LEU A 337 -18.90 8.25 -8.27
C LEU A 337 -18.67 6.74 -8.26
N ALA A 338 -18.78 6.13 -9.45
CA ALA A 338 -18.42 4.73 -9.62
C ALA A 338 -16.93 4.54 -9.86
N ASP A 339 -16.24 5.59 -10.32
CA ASP A 339 -14.82 5.54 -10.62
C ASP A 339 -14.26 6.94 -10.50
N TRP A 340 -13.10 7.06 -9.85
CA TRP A 340 -12.51 8.37 -9.60
C TRP A 340 -12.15 9.11 -10.87
N ALA A 341 -12.12 8.43 -12.01
CA ALA A 341 -11.88 9.10 -13.28
C ALA A 341 -12.98 10.08 -13.64
N ASP A 342 -14.17 9.91 -13.07
CA ASP A 342 -15.35 10.72 -13.39
C ASP A 342 -15.59 11.83 -12.37
N THR A 343 -14.54 12.38 -11.78
CA THR A 343 -14.71 13.44 -10.77
C THR A 343 -15.47 14.64 -11.32
N TRP A 344 -15.43 14.86 -12.63
CA TRP A 344 -16.16 15.99 -13.21
C TRP A 344 -17.66 15.87 -12.99
N LEU A 345 -18.18 14.65 -12.79
CA LEU A 345 -19.58 14.47 -12.45
C LEU A 345 -19.92 15.15 -11.13
N SER A 346 -18.93 15.30 -10.25
CA SER A 346 -19.12 16.02 -8.99
C SER A 346 -18.59 17.45 -9.05
N GLU A 347 -17.39 17.64 -9.59
CA GLU A 347 -16.81 18.99 -9.60
C GLU A 347 -17.43 19.85 -10.69
N GLY A 348 -17.63 19.31 -11.88
CA GLY A 348 -18.30 20.07 -12.93
C GLY A 348 -19.73 20.43 -12.56
N PHE A 349 -20.44 19.49 -11.93
CA PHE A 349 -21.80 19.78 -11.48
C PHE A 349 -21.80 20.78 -10.33
N ALA A 350 -20.91 20.61 -9.35
CA ALA A 350 -20.81 21.59 -8.27
C ALA A 350 -20.38 22.95 -8.78
N THR A 351 -19.57 22.98 -9.84
CA THR A 351 -19.13 24.26 -10.38
C THR A 351 -20.27 24.94 -11.16
N TYR A 352 -21.08 24.16 -11.87
CA TYR A 352 -22.18 24.77 -12.61
C TYR A 352 -23.24 25.34 -11.69
N ALA A 353 -23.42 24.75 -10.50
CA ALA A 353 -24.34 25.33 -9.52
C ALA A 353 -23.98 26.78 -9.20
N GLU A 354 -22.68 27.11 -9.23
CA GLU A 354 -22.27 28.49 -9.02
C GLU A 354 -22.90 29.42 -10.05
N LEU A 355 -22.92 28.99 -11.32
CA LEU A 355 -23.54 29.79 -12.37
C LEU A 355 -25.05 29.90 -12.15
N LEU A 356 -25.69 28.80 -11.73
CA LEU A 356 -27.12 28.84 -11.45
C LEU A 356 -27.41 29.76 -10.28
N TRP A 357 -26.59 29.71 -9.23
CA TRP A 357 -26.78 30.61 -8.09
C TRP A 357 -26.57 32.06 -8.48
N ALA A 358 -25.57 32.34 -9.31
CA ALA A 358 -25.33 33.71 -9.76
C ALA A 358 -26.52 34.24 -10.54
N GLU A 359 -27.04 33.44 -11.47
CA GLU A 359 -28.23 33.84 -12.23
C GLU A 359 -29.41 34.07 -11.30
N SER A 360 -29.56 33.21 -10.28
CA SER A 360 -30.64 33.39 -9.32
C SER A 360 -30.51 34.72 -8.58
N GLN A 361 -29.29 35.23 -8.45
CA GLN A 361 -29.04 36.50 -7.78
C GLN A 361 -28.93 37.66 -8.78
N GLY A 362 -29.50 37.50 -9.98
CA GLY A 362 -29.57 38.58 -10.95
C GLY A 362 -28.32 38.79 -11.78
N GLU A 363 -27.30 37.95 -11.63
CA GLU A 363 -26.06 38.14 -12.36
C GLU A 363 -26.15 37.52 -13.75
N ASP A 364 -25.13 37.83 -14.57
CA ASP A 364 -25.05 37.34 -15.95
C ASP A 364 -24.31 36.01 -15.93
N GLY A 365 -25.05 34.91 -16.03
CA GLY A 365 -24.42 33.60 -16.03
C GLY A 365 -23.59 33.34 -17.26
N GLN A 366 -24.00 33.87 -18.41
CA GLN A 366 -23.21 33.73 -19.63
C GLN A 366 -21.81 34.30 -19.46
N ALA A 367 -21.69 35.41 -18.73
CA ALA A 367 -20.38 36.00 -18.49
C ALA A 367 -19.52 35.10 -17.60
N MET A 368 -20.15 34.42 -16.63
CA MET A 368 -19.41 33.47 -15.81
C MET A 368 -18.92 32.30 -16.64
N ALA A 369 -19.77 31.79 -17.54
CA ALA A 369 -19.34 30.74 -18.46
C ALA A 369 -18.19 31.22 -19.34
N ALA A 370 -18.21 32.49 -19.74
CA ALA A 370 -17.11 33.04 -20.53
C ALA A 370 -15.80 32.99 -19.78
N ASP A 371 -15.83 33.27 -18.47
CA ASP A 371 -14.62 33.18 -17.66
C ASP A 371 -14.07 31.76 -17.63
N TRP A 372 -14.97 30.77 -17.46
CA TRP A 372 -14.57 29.37 -17.50
C TRP A 372 -13.82 29.05 -18.79
N TYR A 373 -14.40 29.44 -19.93
CA TYR A 373 -13.77 29.17 -21.22
C TYR A 373 -12.39 29.82 -21.31
N ALA A 374 -12.27 31.06 -20.84
CA ALA A 374 -10.98 31.75 -20.86
C ALA A 374 -9.90 30.94 -20.18
N ARG A 375 -10.18 30.42 -18.98
CA ARG A 375 -9.20 29.61 -18.27
C ARG A 375 -8.94 28.27 -18.95
N LEU A 376 -9.77 27.89 -19.93
CA LEU A 376 -9.54 26.68 -20.71
C LEU A 376 -8.81 26.94 -22.02
N SER A 377 -9.05 28.10 -22.66
CA SER A 377 -8.49 28.38 -23.97
C SER A 377 -6.97 28.48 -23.98
N VAL A 378 -6.33 28.55 -22.82
CA VAL A 378 -4.88 28.57 -22.73
C VAL A 378 -4.34 27.30 -22.11
N LEU A 379 -5.21 26.32 -21.82
CA LEU A 379 -4.85 25.01 -21.31
C LEU A 379 -5.11 23.94 -22.38
N PRO A 380 -4.35 22.84 -22.35
CA PRO A 380 -4.57 21.71 -23.28
C PRO A 380 -5.85 20.93 -22.98
N SER A 381 -6.25 20.10 -23.94
CA SER A 381 -7.43 19.31 -23.68
C SER A 381 -7.03 17.87 -23.41
N ARG A 382 -8.00 17.17 -22.86
CA ARG A 382 -8.09 15.78 -22.44
C ARG A 382 -9.58 15.52 -22.34
N PRO A 383 -10.04 14.28 -22.55
CA PRO A 383 -11.45 13.95 -22.27
C PRO A 383 -11.82 14.25 -20.83
N LEU A 384 -13.13 14.32 -20.56
CA LEU A 384 -13.61 14.61 -19.21
C LEU A 384 -13.26 13.48 -18.25
N ARG A 385 -13.31 12.24 -18.74
CA ARG A 385 -12.90 11.08 -17.95
C ARG A 385 -11.39 11.12 -17.76
N ALA A 386 -10.94 11.29 -16.52
CA ALA A 386 -9.52 11.42 -16.26
C ALA A 386 -8.80 10.08 -16.43
N THR A 387 -7.57 10.15 -16.93
CA THR A 387 -6.76 8.94 -17.11
C THR A 387 -5.69 8.79 -16.04
N ARG A 388 -5.31 9.87 -15.36
CA ARG A 388 -4.30 9.83 -14.33
C ARG A 388 -4.74 10.68 -13.15
N GLU A 389 -4.08 10.46 -12.00
CA GLU A 389 -4.54 11.05 -10.75
C GLU A 389 -4.44 12.56 -10.74
N GLU A 390 -3.44 13.12 -11.43
CA GLU A 390 -3.24 14.57 -11.42
C GLU A 390 -4.39 15.32 -12.08
N GLU A 391 -5.21 14.63 -12.88
CA GLU A 391 -6.30 15.27 -13.61
C GLU A 391 -7.63 15.25 -12.86
N ILE A 392 -7.78 14.39 -11.83
CA ILE A 392 -9.10 14.21 -11.24
C ILE A 392 -9.60 15.49 -10.58
N PHE A 393 -8.69 16.35 -10.13
CA PHE A 393 -9.07 17.63 -9.54
C PHE A 393 -8.44 18.81 -10.28
N ASP A 394 -8.27 18.69 -11.59
CA ASP A 394 -7.63 19.73 -12.38
C ASP A 394 -8.67 20.71 -12.92
N ALA A 395 -8.20 21.70 -13.67
CA ALA A 395 -9.07 22.77 -14.15
C ALA A 395 -10.19 22.25 -15.06
N SER A 396 -9.90 21.24 -15.88
CA SER A 396 -10.91 20.71 -16.80
C SER A 396 -12.02 19.98 -16.06
N ALA A 397 -11.68 19.30 -14.96
CA ALA A 397 -12.69 18.60 -14.20
C ALA A 397 -13.72 19.57 -13.61
N TYR A 398 -13.29 20.79 -13.31
CA TYR A 398 -14.19 21.81 -12.78
C TYR A 398 -14.90 22.55 -13.90
N PHE A 399 -14.14 23.23 -14.76
CA PHE A 399 -14.69 24.18 -15.71
C PHE A 399 -15.11 23.54 -17.03
N ARG A 400 -14.28 22.66 -17.59
CA ARG A 400 -14.69 21.93 -18.79
C ARG A 400 -15.95 21.11 -18.52
N GLY A 401 -16.06 20.55 -17.31
CA GLY A 401 -17.29 19.86 -16.96
C GLY A 401 -18.47 20.79 -16.81
N ALA A 402 -18.26 21.96 -16.21
CA ALA A 402 -19.32 22.94 -16.09
C ALA A 402 -19.77 23.43 -17.46
N LEU A 403 -18.82 23.75 -18.34
CA LEU A 403 -19.18 24.19 -19.68
C LEU A 403 -19.85 23.10 -20.48
N ALA A 404 -19.55 21.83 -20.18
CA ALA A 404 -20.31 20.72 -20.77
C ALA A 404 -21.78 20.82 -20.42
N LEU A 405 -22.08 21.05 -19.13
CA LEU A 405 -23.47 21.24 -18.71
C LEU A 405 -24.06 22.49 -19.34
N HIS A 406 -23.27 23.57 -19.45
CA HIS A 406 -23.75 24.78 -20.11
C HIS A 406 -24.13 24.50 -21.55
N ALA A 407 -23.31 23.74 -22.27
CA ALA A 407 -23.62 23.39 -23.65
C ALA A 407 -24.92 22.60 -23.74
N LEU A 408 -25.11 21.64 -22.83
CA LEU A 408 -26.34 20.86 -22.81
C LEU A 408 -27.55 21.75 -22.50
N ARG A 409 -27.42 22.59 -21.47
CA ARG A 409 -28.55 23.45 -21.08
C ARG A 409 -29.01 24.33 -22.22
N LEU A 410 -28.08 24.95 -22.94
CA LEU A 410 -28.45 25.86 -24.02
C LEU A 410 -29.04 25.13 -25.21
N LYS A 411 -28.75 23.84 -25.35
CA LYS A 411 -29.27 23.07 -26.48
C LYS A 411 -30.71 22.61 -26.26
N VAL A 412 -31.13 22.45 -25.01
CA VAL A 412 -32.45 21.90 -24.69
C VAL A 412 -33.38 22.90 -24.02
N GLY A 413 -32.88 24.03 -23.57
CA GLY A 413 -33.74 24.98 -22.88
C GLY A 413 -33.73 24.79 -21.38
N ASP A 414 -33.98 25.89 -20.66
CA ASP A 414 -33.91 25.86 -19.21
C ASP A 414 -34.89 24.85 -18.62
N ALA A 415 -36.09 24.78 -19.18
CA ALA A 415 -37.09 23.84 -18.67
C ALA A 415 -36.62 22.39 -18.79
N ALA A 416 -36.23 21.99 -20.01
CA ALA A 416 -35.72 20.63 -20.19
C ALA A 416 -34.48 20.39 -19.36
N PHE A 417 -33.57 21.36 -19.30
CA PHE A 417 -32.35 21.19 -18.51
C PHE A 417 -32.67 21.07 -17.03
N GLY A 418 -33.58 21.90 -16.52
CA GLY A 418 -33.98 21.80 -15.12
C GLY A 418 -34.64 20.47 -14.80
N GLN A 419 -35.40 19.92 -15.76
CA GLN A 419 -36.04 18.63 -15.54
C GLN A 419 -35.01 17.50 -15.56
N PHE A 420 -33.98 17.63 -16.42
CA PHE A 420 -32.94 16.60 -16.46
C PHE A 420 -32.17 16.53 -15.15
N LEU A 421 -31.82 17.69 -14.58
CA LEU A 421 -31.10 17.70 -13.31
C LEU A 421 -31.91 17.02 -12.22
N HIS A 422 -33.23 17.24 -12.21
CA HIS A 422 -34.10 16.50 -11.31
C HIS A 422 -34.03 15.01 -11.62
N SER A 423 -34.07 14.65 -12.90
CA SER A 423 -34.03 13.24 -13.28
C SER A 423 -32.64 12.64 -13.09
N TYR A 424 -31.59 13.43 -13.30
CA TYR A 424 -30.23 12.94 -13.07
C TYR A 424 -30.04 12.51 -11.63
N VAL A 425 -30.36 13.40 -10.68
CA VAL A 425 -30.22 13.09 -9.26
C VAL A 425 -31.03 11.84 -8.91
N LYS A 426 -32.29 11.78 -9.34
CA LYS A 426 -33.12 10.62 -9.06
C LYS A 426 -32.53 9.34 -9.65
N THR A 427 -32.09 9.42 -10.92
CA THR A 427 -31.57 8.23 -11.60
C THR A 427 -30.38 7.62 -10.87
N PHE A 428 -29.58 8.44 -10.20
CA PHE A 428 -28.34 7.99 -9.59
C PHE A 428 -28.33 8.15 -8.08
N THR A 429 -29.50 8.04 -7.45
CA THR A 429 -29.59 7.90 -6.00
C THR A 429 -29.60 6.41 -5.67
N GLY A 430 -28.64 5.97 -4.88
CA GLY A 430 -28.47 4.56 -4.61
C GLY A 430 -27.73 3.79 -5.68
N ARG A 431 -27.17 4.47 -6.68
CA ARG A 431 -26.47 3.85 -7.78
C ARG A 431 -25.33 4.77 -8.23
N PRO A 432 -24.09 4.34 -8.10
CA PRO A 432 -22.96 5.22 -8.48
C PRO A 432 -23.02 5.61 -9.94
N VAL A 433 -22.64 6.86 -10.21
CA VAL A 433 -22.77 7.45 -11.54
C VAL A 433 -21.44 7.36 -12.27
N SER A 434 -21.52 7.18 -13.58
CA SER A 434 -20.37 7.16 -14.47
C SER A 434 -20.68 8.05 -15.67
N THR A 435 -19.61 8.43 -16.39
CA THR A 435 -19.79 9.25 -17.58
C THR A 435 -20.62 8.55 -18.65
N THR A 436 -20.37 7.26 -18.86
CA THR A 436 -21.18 6.49 -19.81
C THR A 436 -22.66 6.55 -19.45
N ALA A 437 -22.98 6.42 -18.16
CA ALA A 437 -24.38 6.43 -17.74
C ALA A 437 -25.01 7.80 -17.93
N LEU A 438 -24.25 8.88 -17.73
CA LEU A 438 -24.78 10.21 -17.98
C LEU A 438 -25.19 10.37 -19.44
N LEU A 439 -24.28 10.05 -20.36
CA LEU A 439 -24.60 10.18 -21.79
C LEU A 439 -25.81 9.35 -22.17
N THR A 440 -25.91 8.13 -21.63
CA THR A 440 -27.07 7.28 -21.90
C THR A 440 -28.35 7.96 -21.41
N LEU A 441 -28.33 8.47 -20.17
CA LEU A 441 -29.49 9.16 -19.64
C LEU A 441 -29.82 10.40 -20.48
N VAL A 442 -28.79 11.13 -20.91
CA VAL A 442 -29.01 12.26 -21.81
C VAL A 442 -29.69 11.78 -23.10
N LYS A 443 -29.16 10.70 -23.67
CA LYS A 443 -29.74 10.12 -24.89
C LYS A 443 -31.18 9.69 -24.64
N THR A 444 -31.41 8.94 -23.56
CA THR A 444 -32.74 8.46 -23.23
C THR A 444 -33.71 9.61 -22.99
N GLN A 445 -33.34 10.58 -22.17
CA GLN A 445 -34.29 11.61 -21.74
C GLN A 445 -34.44 12.73 -22.75
N LEU A 446 -33.32 13.23 -23.29
CA LEU A 446 -33.35 14.46 -24.07
C LEU A 446 -33.14 14.27 -25.56
N GLY A 447 -32.69 13.10 -25.99
CA GLY A 447 -32.52 12.82 -27.41
C GLY A 447 -31.05 12.76 -27.81
N ALA A 448 -30.84 12.30 -29.04
CA ALA A 448 -29.49 12.08 -29.53
C ALA A 448 -28.74 13.39 -29.77
N GLU A 449 -29.45 14.43 -30.23
CA GLU A 449 -28.78 15.70 -30.51
C GLU A 449 -28.19 16.29 -29.23
N ALA A 450 -28.98 16.29 -28.15
CA ALA A 450 -28.44 16.71 -26.86
C ALA A 450 -27.29 15.81 -26.42
N GLU A 451 -27.38 14.50 -26.69
CA GLU A 451 -26.31 13.59 -26.35
C GLU A 451 -25.03 13.93 -27.11
N GLN A 452 -25.14 14.11 -28.43
CA GLN A 452 -23.95 14.41 -29.23
C GLN A 452 -23.31 15.72 -28.81
N THR A 453 -24.14 16.70 -28.43
CA THR A 453 -23.59 17.95 -27.89
C THR A 453 -22.77 17.68 -26.64
N LEU A 454 -23.28 16.84 -25.74
CA LEU A 454 -22.53 16.51 -24.54
C LEU A 454 -21.31 15.65 -24.85
N ARG A 455 -21.43 14.76 -25.85
CA ARG A 455 -20.31 13.89 -26.18
C ARG A 455 -19.13 14.67 -26.74
N VAL A 456 -19.42 15.74 -27.49
CA VAL A 456 -18.36 16.62 -27.97
C VAL A 456 -17.49 17.12 -26.82
N TRP A 457 -18.11 17.49 -25.71
CA TRP A 457 -17.36 18.00 -24.57
C TRP A 457 -16.77 16.86 -23.73
N VAL A 458 -17.49 15.75 -23.62
CA VAL A 458 -17.00 14.65 -22.79
C VAL A 458 -15.85 13.92 -23.46
N GLU A 459 -16.05 13.51 -24.70
CA GLU A 459 -15.03 12.84 -25.49
C GLU A 459 -14.55 13.77 -26.59
N GLY A 460 -13.31 13.56 -27.03
CA GLY A 460 -12.79 14.35 -28.13
C GLY A 460 -11.40 14.97 -28.03
N ARG A 461 -10.84 15.13 -26.82
CA ARG A 461 -9.53 15.78 -26.68
C ARG A 461 -9.50 17.17 -27.33
N THR A 462 -10.67 17.75 -27.56
CA THR A 462 -10.85 19.04 -28.17
C THR A 462 -11.45 20.04 -27.17
N LEU A 463 -11.09 21.31 -27.32
CA LEU A 463 -11.83 22.37 -26.66
C LEU A 463 -12.91 22.84 -27.62
N PRO A 464 -14.18 22.50 -27.42
CA PRO A 464 -15.24 22.98 -28.31
C PRO A 464 -15.40 24.48 -28.19
N PRO A 465 -16.07 25.12 -29.15
CA PRO A 465 -16.33 26.56 -29.02
C PRO A 465 -17.16 26.86 -27.77
N LEU A 466 -17.05 28.09 -27.30
CA LEU A 466 -17.77 28.49 -26.10
C LEU A 466 -19.28 28.38 -26.34
N PRO A 467 -20.01 27.68 -25.47
CA PRO A 467 -21.47 27.58 -25.65
C PRO A 467 -22.13 28.94 -25.41
N GLU A 468 -22.81 29.43 -26.43
CA GLU A 468 -23.49 30.70 -26.40
C GLU A 468 -24.94 30.54 -26.82
N PRO A 469 -25.84 31.41 -26.36
CA PRO A 469 -27.24 31.33 -26.80
C PRO A 469 -27.34 31.43 -28.32
N VAL A 470 -28.19 30.58 -28.88
CA VAL A 470 -28.42 30.55 -30.33
C VAL A 470 -28.87 31.91 -30.85
N GLN B 38 21.58 9.24 8.47
CA GLN B 38 21.96 9.18 7.06
C GLN B 38 21.79 7.79 6.50
N SER B 39 22.51 6.84 7.07
CA SER B 39 22.40 5.43 6.70
C SER B 39 21.11 4.84 7.25
N VAL B 40 20.83 3.60 6.84
CA VAL B 40 19.69 2.85 7.38
C VAL B 40 19.78 2.75 8.89
N GLY B 41 20.99 2.72 9.44
CA GLY B 41 21.16 2.58 10.88
C GLY B 41 21.10 1.17 11.39
N ASP B 42 21.53 0.20 10.58
CA ASP B 42 21.56 -1.20 11.01
C ASP B 42 22.38 -1.35 12.28
N SER B 43 21.87 -2.15 13.22
CA SER B 43 22.57 -2.37 14.48
C SER B 43 23.89 -3.11 14.29
N ILE B 44 24.04 -3.83 13.19
CA ILE B 44 25.23 -4.63 12.92
C ILE B 44 26.13 -3.96 11.90
N PHE B 45 25.55 -3.37 10.86
CA PHE B 45 26.28 -2.68 9.80
C PHE B 45 25.77 -1.24 9.75
N PRO B 46 26.23 -0.37 10.64
CA PRO B 46 25.61 0.96 10.79
C PRO B 46 25.89 1.92 9.65
N SER B 47 26.62 1.52 8.61
CA SER B 47 26.94 2.42 7.52
C SER B 47 26.21 2.10 6.22
N LEU B 48 25.71 0.88 6.07
CA LEU B 48 25.07 0.48 4.83
C LEU B 48 23.73 1.18 4.64
N GLY B 49 23.34 1.34 3.38
CA GLY B 49 22.04 1.87 3.05
C GLY B 49 21.87 3.35 3.27
N GLN B 50 20.72 3.88 2.87
CA GLN B 50 20.35 5.26 3.11
C GLN B 50 18.92 5.30 3.64
N ARG B 51 18.74 5.97 4.78
CA ARG B 51 17.40 6.05 5.37
C ARG B 51 16.43 6.74 4.43
N GLY B 52 15.19 6.25 4.41
CA GLY B 52 14.15 6.79 3.57
C GLY B 52 14.25 6.43 2.11
N LEU B 53 15.39 5.90 1.66
CA LEU B 53 15.52 5.49 0.27
C LEU B 53 14.73 4.22 0.01
N ASP B 54 13.96 4.21 -1.07
CA ASP B 54 13.15 3.05 -1.47
C ASP B 54 13.45 2.76 -2.94
N VAL B 55 14.47 1.93 -3.18
CA VAL B 55 14.72 1.45 -4.53
C VAL B 55 13.62 0.47 -4.92
N GLN B 56 13.00 0.70 -6.07
CA GLN B 56 11.88 -0.11 -6.51
C GLN B 56 12.23 -1.05 -7.65
N HIS B 57 13.23 -0.73 -8.46
CA HIS B 57 13.61 -1.58 -9.57
C HIS B 57 15.05 -1.30 -9.95
N TYR B 58 15.85 -2.36 -10.09
CA TYR B 58 17.20 -2.27 -10.65
C TYR B 58 17.15 -2.76 -12.09
N ASP B 59 17.52 -1.89 -13.03
CA ASP B 59 17.70 -2.26 -14.43
C ASP B 59 19.20 -2.29 -14.69
N LEU B 60 19.80 -3.47 -14.57
CA LEU B 60 21.24 -3.63 -14.59
C LEU B 60 21.70 -4.28 -15.88
N HIS B 61 22.69 -3.67 -16.53
CA HIS B 61 23.38 -4.27 -17.67
C HIS B 61 24.82 -4.53 -17.21
N LEU B 62 25.13 -5.79 -16.93
CA LEU B 62 26.44 -6.20 -16.45
C LEU B 62 27.19 -6.88 -17.58
N THR B 63 28.45 -6.52 -17.77
CA THR B 63 29.29 -7.07 -18.82
C THR B 63 30.47 -7.79 -18.18
N VAL B 64 30.52 -9.11 -18.34
CA VAL B 64 31.60 -9.92 -17.79
C VAL B 64 32.52 -10.35 -18.94
N PRO B 65 33.69 -9.71 -19.10
CA PRO B 65 34.55 -10.03 -20.25
C PRO B 65 35.11 -11.43 -20.18
N ARG B 66 35.65 -11.81 -19.02
CA ARG B 66 36.25 -13.13 -18.83
C ARG B 66 35.67 -13.75 -17.57
N PRO B 67 34.70 -14.65 -17.69
CA PRO B 67 34.15 -15.33 -16.51
C PRO B 67 35.24 -16.03 -15.73
N GLY B 68 35.23 -15.84 -14.42
CA GLY B 68 36.29 -16.32 -13.55
C GLY B 68 37.28 -15.25 -13.10
N GLU B 69 37.28 -14.09 -13.76
CA GLU B 69 38.10 -12.96 -13.35
C GLU B 69 37.20 -11.80 -12.93
N PRO B 70 37.57 -11.06 -11.89
CA PRO B 70 36.60 -10.17 -11.22
C PRO B 70 36.23 -8.93 -12.02
N HIS B 71 37.01 -8.52 -13.02
CA HIS B 71 36.69 -7.30 -13.74
C HIS B 71 35.33 -7.41 -14.42
N LEU B 72 34.65 -6.27 -14.56
CA LEU B 72 33.34 -6.23 -15.19
C LEU B 72 32.97 -4.79 -15.49
N SER B 73 31.91 -4.62 -16.27
CA SER B 73 31.35 -3.32 -16.60
C SER B 73 29.89 -3.26 -16.15
N GLY B 74 29.43 -2.05 -15.85
CA GLY B 74 28.06 -1.91 -15.36
C GLY B 74 27.30 -0.74 -15.95
N ASP B 75 26.00 -0.94 -16.17
CA ASP B 75 25.09 0.10 -16.66
C ASP B 75 23.75 -0.15 -15.98
N VAL B 76 23.50 0.54 -14.87
CA VAL B 76 22.31 0.31 -14.06
C VAL B 76 21.50 1.60 -13.99
N THR B 77 20.18 1.47 -14.14
CA THR B 77 19.24 2.56 -13.88
C THR B 77 18.35 2.14 -12.72
N LEU B 78 18.39 2.91 -11.64
CA LEU B 78 17.58 2.63 -10.46
C LEU B 78 16.32 3.49 -10.49
N THR B 79 15.17 2.84 -10.34
CA THR B 79 13.91 3.55 -10.10
C THR B 79 13.72 3.65 -8.60
N VAL B 80 13.86 4.85 -8.06
CA VAL B 80 13.93 5.06 -6.62
C VAL B 80 12.72 5.88 -6.17
N GLY B 81 12.22 5.55 -4.99
CA GLY B 81 11.23 6.35 -4.31
C GLY B 81 11.78 6.80 -2.97
N ALA B 82 10.96 7.46 -2.16
CA ALA B 82 11.45 7.98 -0.89
C ALA B 82 10.33 7.94 0.13
N ARG B 83 10.68 7.55 1.37
CA ARG B 83 9.76 7.67 2.49
C ARG B 83 9.87 9.01 3.18
N GLU B 84 10.95 9.74 2.96
CA GLU B 84 11.17 11.08 3.48
C GLU B 84 11.90 11.87 2.42
N PRO B 85 11.81 13.21 2.45
CA PRO B 85 12.51 14.01 1.45
C PRO B 85 14.01 13.71 1.43
N LEU B 86 14.54 13.49 0.24
CA LEU B 86 15.94 13.14 0.05
C LEU B 86 16.60 14.16 -0.86
N SER B 87 17.57 14.90 -0.31
CA SER B 87 18.34 15.80 -1.15
C SER B 87 19.31 15.03 -2.04
N ARG B 88 19.71 13.83 -1.61
CA ARG B 88 20.73 13.06 -2.32
C ARG B 88 20.35 11.59 -2.34
N ILE B 89 20.80 10.90 -3.39
CA ILE B 89 20.71 9.46 -3.48
C ILE B 89 22.08 8.89 -3.15
N VAL B 90 22.20 8.24 -1.99
CA VAL B 90 23.46 7.69 -1.51
C VAL B 90 23.39 6.18 -1.65
N LEU B 91 24.20 5.61 -2.53
CA LEU B 91 24.24 4.19 -2.77
C LEU B 91 25.54 3.59 -2.26
N ASP B 92 25.50 2.31 -1.94
CA ASP B 92 26.68 1.56 -1.54
C ASP B 92 27.40 1.04 -2.79
N LEU B 93 28.73 1.14 -2.78
CA LEU B 93 29.54 0.63 -3.88
C LEU B 93 30.95 0.41 -3.38
N LEU B 94 31.52 -0.75 -3.69
CA LEU B 94 32.79 -1.18 -3.12
C LEU B 94 33.60 -1.87 -4.22
N GLY B 95 34.49 -1.11 -4.86
CA GLY B 95 35.36 -1.66 -5.88
C GLY B 95 35.30 -0.91 -7.19
N PRO B 96 34.24 -1.10 -7.97
CA PRO B 96 34.14 -0.45 -9.27
C PRO B 96 34.09 1.06 -9.15
N ARG B 97 34.45 1.73 -10.24
CA ARG B 97 34.52 3.18 -10.29
C ARG B 97 33.41 3.72 -11.19
N VAL B 98 32.63 4.67 -10.67
CA VAL B 98 31.58 5.28 -11.46
C VAL B 98 32.21 6.23 -12.47
N SER B 99 31.76 6.14 -13.73
CA SER B 99 32.24 7.04 -14.78
C SER B 99 31.24 8.12 -15.16
N ALA B 100 29.95 7.83 -15.10
CA ALA B 100 28.92 8.80 -15.46
C ALA B 100 27.69 8.56 -14.61
N ALA B 101 26.88 9.61 -14.47
CA ALA B 101 25.65 9.51 -13.70
C ALA B 101 24.60 10.42 -14.32
N GLN B 102 23.36 9.93 -14.32
CA GLN B 102 22.22 10.72 -14.76
C GLN B 102 21.06 10.59 -13.78
N TRP B 103 20.25 11.63 -13.72
CA TRP B 103 19.03 11.65 -12.93
C TRP B 103 17.89 12.06 -13.84
N ASN B 104 16.96 11.15 -14.07
CA ASN B 104 15.83 11.36 -14.99
C ASN B 104 16.31 11.74 -16.38
N GLY B 105 17.45 11.20 -16.81
CA GLY B 105 17.97 11.42 -18.14
C GLY B 105 18.85 12.64 -18.32
N GLN B 106 19.08 13.41 -17.27
CA GLN B 106 19.90 14.61 -17.33
C GLN B 106 21.19 14.42 -16.55
N ARG B 107 22.24 15.10 -16.99
CA ARG B 107 23.50 15.09 -16.26
C ARG B 107 23.28 15.56 -14.84
N VAL B 108 23.96 14.91 -13.90
CA VAL B 108 23.75 15.17 -12.47
C VAL B 108 25.09 15.19 -11.74
N ARG B 109 25.13 15.95 -10.65
CA ARG B 109 26.32 16.00 -9.82
C ARG B 109 26.41 14.75 -8.95
N TRP B 110 27.61 14.18 -8.86
CA TRP B 110 27.79 12.95 -8.13
C TRP B 110 29.24 12.86 -7.65
N VAL B 111 29.44 12.12 -6.57
CA VAL B 111 30.78 11.92 -6.01
C VAL B 111 30.87 10.50 -5.47
N GLN B 112 31.97 9.82 -5.78
CA GLN B 112 32.26 8.50 -5.23
C GLN B 112 33.28 8.69 -4.11
N THR B 113 32.89 8.40 -2.87
CA THR B 113 33.74 8.62 -1.72
C THR B 113 33.68 7.40 -0.81
N ALA B 114 34.85 6.83 -0.51
CA ALA B 114 34.99 5.64 0.33
C ALA B 114 34.10 4.54 -0.23
N GLN B 115 33.08 4.07 0.50
CA GLN B 115 32.23 2.99 0.04
C GLN B 115 30.84 3.46 -0.36
N LYS B 116 30.71 4.73 -0.75
CA LYS B 116 29.42 5.31 -1.11
C LYS B 116 29.53 6.09 -2.41
N VAL B 117 28.41 6.15 -3.14
CA VAL B 117 28.25 7.03 -4.30
C VAL B 117 27.09 7.96 -3.97
N GLU B 118 27.38 9.24 -3.80
CA GLU B 118 26.38 10.23 -3.43
C GLU B 118 26.03 11.07 -4.65
N VAL B 119 24.74 11.14 -4.95
CA VAL B 119 24.24 11.87 -6.12
C VAL B 119 23.41 13.04 -5.63
N THR B 120 23.86 14.26 -5.91
CA THR B 120 23.11 15.45 -5.55
C THR B 120 22.00 15.67 -6.56
N LEU B 121 20.76 15.68 -6.07
CA LEU B 121 19.63 15.87 -6.97
C LEU B 121 19.38 17.35 -7.24
N PRO B 122 18.84 17.68 -8.42
CA PRO B 122 18.49 19.09 -8.68
C PRO B 122 17.46 19.62 -7.71
N ARG B 123 16.54 18.77 -7.26
CA ARG B 123 15.54 19.09 -6.26
C ARG B 123 15.27 17.81 -5.48
N PRO B 124 14.84 17.92 -4.21
CA PRO B 124 14.71 16.72 -3.38
C PRO B 124 13.70 15.73 -3.95
N LEU B 125 14.01 14.45 -3.80
CA LEU B 125 13.07 13.39 -4.10
C LEU B 125 12.11 13.23 -2.92
N ARG B 126 10.83 13.43 -3.17
CA ARG B 126 9.85 13.49 -2.09
C ARG B 126 8.90 12.30 -2.13
N PRO B 127 8.37 11.87 -0.99
CA PRO B 127 7.50 10.69 -0.96
C PRO B 127 6.33 10.80 -1.92
N GLY B 128 6.07 9.71 -2.63
CA GLY B 128 5.03 9.64 -3.64
C GLY B 128 5.54 9.75 -5.06
N GLU B 129 6.69 10.36 -5.27
CA GLU B 129 7.28 10.50 -6.60
C GLU B 129 8.48 9.57 -6.75
N THR B 130 8.78 9.23 -8.00
CA THR B 130 9.90 8.36 -8.32
C THR B 130 10.83 9.07 -9.30
N GLY B 131 12.10 8.64 -9.28
CA GLY B 131 13.08 9.13 -10.24
C GLY B 131 13.94 7.99 -10.75
N ARG B 132 14.67 8.29 -11.82
CA ARG B 132 15.55 7.31 -12.46
C ARG B 132 17.00 7.77 -12.31
N LEU B 133 17.80 6.96 -11.62
CA LEU B 133 19.22 7.22 -11.43
C LEU B 133 20.01 6.19 -12.23
N ARG B 134 20.74 6.66 -13.24
CA ARG B 134 21.55 5.79 -14.10
C ARG B 134 23.02 6.00 -13.78
N LEU B 135 23.75 4.90 -13.62
CA LEU B 135 25.17 4.95 -13.27
C LEU B 135 25.95 4.03 -14.19
N ILE B 136 27.04 4.56 -14.77
CA ILE B 136 27.97 3.80 -15.57
C ILE B 136 29.22 3.59 -14.73
N TYR B 137 29.63 2.34 -14.56
CA TYR B 137 30.75 2.02 -13.69
C TYR B 137 31.50 0.82 -14.26
N ALA B 138 32.75 0.68 -13.80
CA ALA B 138 33.60 -0.42 -14.23
C ALA B 138 34.72 -0.59 -13.21
N GLY B 139 35.28 -1.79 -13.17
CA GLY B 139 36.36 -2.06 -12.23
C GLY B 139 36.29 -3.46 -11.62
N THR B 140 36.87 -3.60 -10.43
CA THR B 140 36.98 -4.89 -9.76
C THR B 140 36.19 -4.88 -8.46
N PRO B 141 35.15 -5.72 -8.33
CA PRO B 141 34.44 -5.80 -7.04
C PRO B 141 35.34 -6.31 -5.93
N GLU B 142 35.20 -5.72 -4.75
CA GLU B 142 35.96 -6.10 -3.58
C GLU B 142 35.09 -6.94 -2.65
N LEU B 143 35.64 -8.04 -2.16
CA LEU B 143 34.93 -8.90 -1.23
C LEU B 143 34.98 -8.31 0.18
N SER B 144 33.88 -8.46 0.92
CA SER B 144 33.83 -8.02 2.31
C SER B 144 34.26 -9.20 3.17
N GLY B 145 35.55 -9.25 3.48
CA GLY B 145 36.08 -10.37 4.25
C GLY B 145 36.05 -10.18 5.75
N ASP B 146 34.85 -10.04 6.32
CA ASP B 146 34.74 -9.85 7.75
C ASP B 146 35.03 -11.16 8.48
N PRO B 147 35.75 -11.10 9.61
CA PRO B 147 36.21 -12.34 10.25
C PRO B 147 35.07 -13.25 10.72
N GLY B 148 33.99 -12.68 11.23
CA GLY B 148 32.95 -13.49 11.84
C GLY B 148 31.82 -13.87 10.91
N LEU B 149 32.08 -13.87 9.62
CA LEU B 149 31.07 -14.29 8.66
C LEU B 149 31.40 -15.68 8.13
N PRO B 150 30.40 -16.52 7.85
CA PRO B 150 30.70 -17.85 7.31
C PRO B 150 31.21 -17.84 5.89
N ILE B 151 31.09 -16.70 5.19
CA ILE B 151 31.57 -16.54 3.82
C ILE B 151 32.17 -15.14 3.71
N ARG B 152 32.86 -14.91 2.61
CA ARG B 152 33.28 -13.57 2.23
C ARG B 152 32.31 -13.06 1.16
N PRO B 153 31.30 -12.29 1.53
CA PRO B 153 30.24 -11.95 0.56
C PRO B 153 30.72 -10.99 -0.51
N GLY B 154 30.24 -11.20 -1.73
CA GLY B 154 30.51 -10.34 -2.85
C GLY B 154 30.64 -11.14 -4.13
N TRP B 155 31.21 -10.49 -5.14
CA TRP B 155 31.41 -11.11 -6.45
C TRP B 155 32.46 -12.21 -6.34
N GLN B 156 32.04 -13.46 -6.55
CA GLN B 156 32.93 -14.61 -6.43
C GLN B 156 33.51 -14.97 -7.80
N ASN B 157 34.75 -15.45 -7.78
CA ASN B 157 35.47 -15.76 -9.02
C ASN B 157 36.35 -16.98 -8.77
N GLU B 158 36.06 -18.09 -9.45
CA GLU B 158 36.87 -19.30 -9.31
C GLU B 158 36.48 -20.30 -10.38
N ALA B 159 37.50 -20.92 -10.99
CA ALA B 159 37.32 -22.02 -11.95
C ALA B 159 36.45 -21.61 -13.13
N GLY B 160 36.80 -20.48 -13.75
CA GLY B 160 36.07 -19.99 -14.90
C GLY B 160 34.65 -19.56 -14.61
N LEU B 161 34.28 -19.40 -13.35
CA LEU B 161 32.93 -19.01 -12.96
C LEU B 161 33.01 -17.72 -12.14
N SER B 162 32.13 -16.77 -12.46
CA SER B 162 31.93 -15.59 -11.65
C SER B 162 30.46 -15.51 -11.27
N TYR B 163 30.19 -15.29 -9.99
CA TYR B 163 28.82 -15.37 -9.49
C TYR B 163 28.72 -14.55 -8.20
N SER B 164 27.50 -14.18 -7.86
CA SER B 164 27.23 -13.39 -6.67
C SER B 164 26.87 -14.31 -5.50
N LEU B 165 27.53 -14.11 -4.37
CA LEU B 165 27.22 -14.79 -3.11
C LEU B 165 27.39 -13.71 -2.04
N SER B 166 26.37 -12.87 -1.91
CA SER B 166 26.53 -11.52 -1.38
C SER B 166 25.88 -11.29 -0.03
N GLU B 167 25.31 -12.30 0.59
CA GLU B 167 24.73 -12.10 1.92
C GLU B 167 25.86 -11.99 2.95
N PRO B 168 25.87 -10.95 3.78
CA PRO B 168 24.83 -9.94 3.89
C PRO B 168 25.01 -8.71 2.99
N HIS B 169 26.24 -8.20 2.88
CA HIS B 169 26.50 -6.90 2.27
C HIS B 169 27.56 -7.01 1.19
N GLY B 170 27.40 -7.98 0.29
CA GLY B 170 28.36 -8.16 -0.79
C GLY B 170 27.88 -7.63 -2.12
N THR B 171 26.57 -7.38 -2.25
CA THR B 171 26.02 -6.93 -3.53
C THR B 171 26.59 -5.58 -3.94
N ARG B 172 26.89 -4.71 -2.97
CA ARG B 172 27.52 -3.43 -3.28
C ARG B 172 28.84 -3.57 -4.00
N GLY B 173 29.43 -4.78 -4.03
CA GLY B 173 30.70 -4.97 -4.70
C GLY B 173 30.60 -4.87 -6.21
N PHE B 174 29.52 -5.40 -6.78
CA PHE B 174 29.35 -5.39 -8.23
C PHE B 174 28.13 -4.61 -8.69
N LEU B 175 27.39 -3.99 -7.78
CA LEU B 175 26.20 -3.23 -8.16
C LEU B 175 25.97 -2.09 -7.18
N PRO B 176 25.94 -0.84 -7.66
CA PRO B 176 25.58 0.28 -6.78
C PRO B 176 24.13 0.13 -6.32
N CYS B 177 23.95 0.02 -5.01
CA CYS B 177 22.68 -0.44 -4.47
C CYS B 177 22.49 0.10 -3.07
N ASN B 178 21.22 0.27 -2.69
CA ASN B 178 20.83 0.36 -1.29
C ASN B 178 20.99 -1.01 -0.64
N ASP B 179 22.19 -1.31 -0.14
CA ASP B 179 22.56 -2.68 0.22
C ASP B 179 22.10 -2.98 1.65
N HIS B 180 20.79 -3.16 1.79
CA HIS B 180 20.21 -3.54 3.06
C HIS B 180 18.95 -4.36 2.79
N PRO B 181 18.70 -5.41 3.58
CA PRO B 181 17.49 -6.23 3.35
C PRO B 181 16.19 -5.50 3.64
N SER B 182 16.23 -4.33 4.27
CA SER B 182 15.01 -3.58 4.53
C SER B 182 14.47 -2.90 3.27
N ASP B 183 15.21 -2.93 2.17
CA ASP B 183 14.81 -2.27 0.92
C ASP B 183 14.89 -3.25 -0.24
N PRO B 184 13.96 -4.21 -0.31
CA PRO B 184 13.92 -5.09 -1.47
C PRO B 184 13.50 -4.33 -2.72
N ALA B 185 13.80 -4.93 -3.88
CA ALA B 185 13.46 -4.30 -5.15
C ALA B 185 13.35 -5.38 -6.21
N THR B 186 12.75 -5.00 -7.34
CA THR B 186 12.70 -5.85 -8.52
C THR B 186 13.94 -5.63 -9.38
N PHE B 187 14.25 -6.63 -10.20
CA PHE B 187 15.47 -6.62 -10.98
C PHE B 187 15.18 -7.01 -12.43
N THR B 188 15.84 -6.31 -13.35
CA THR B 188 15.96 -6.73 -14.74
C THR B 188 17.46 -6.70 -15.07
N VAL B 189 18.03 -7.87 -15.33
CA VAL B 189 19.47 -8.01 -15.54
C VAL B 189 19.74 -8.38 -17.00
N ARG B 190 20.74 -7.72 -17.59
CA ARG B 190 21.18 -7.96 -18.96
C ARG B 190 22.65 -8.34 -18.88
N VAL B 191 22.96 -9.64 -18.92
CA VAL B 191 24.32 -10.11 -18.73
C VAL B 191 24.95 -10.32 -20.09
N THR B 192 26.07 -9.64 -20.34
CA THR B 192 26.82 -9.78 -21.58
C THR B 192 28.08 -10.59 -21.30
N VAL B 193 28.24 -11.69 -22.01
CA VAL B 193 29.31 -12.65 -21.78
C VAL B 193 29.89 -13.09 -23.12
N PRO B 194 31.09 -13.67 -23.10
CA PRO B 194 31.61 -14.29 -24.33
C PRO B 194 30.67 -15.37 -24.85
N ALA B 195 30.70 -15.58 -26.17
CA ALA B 195 29.83 -16.58 -26.77
C ALA B 195 30.09 -17.97 -26.20
N SER B 196 31.35 -18.28 -25.91
CA SER B 196 31.67 -19.59 -25.35
C SER B 196 30.99 -19.83 -24.01
N ALA B 197 30.66 -18.78 -23.28
CA ALA B 197 30.07 -18.90 -21.96
C ALA B 197 28.57 -18.64 -22.02
N SER B 198 27.95 -18.63 -20.85
CA SER B 198 26.54 -18.29 -20.71
C SER B 198 26.35 -17.66 -19.33
N ALA B 199 25.09 -17.41 -18.98
CA ALA B 199 24.81 -16.71 -17.72
C ALA B 199 23.40 -17.06 -17.26
N ALA B 200 23.17 -16.87 -15.96
CA ALA B 200 21.85 -17.06 -15.36
C ALA B 200 21.70 -16.09 -14.20
N ALA B 201 20.57 -15.40 -14.15
CA ALA B 201 20.25 -14.50 -13.07
C ALA B 201 18.85 -14.83 -12.54
N SER B 202 18.52 -14.26 -11.39
CA SER B 202 17.18 -14.43 -10.83
C SER B 202 16.16 -13.77 -11.73
N GLY B 203 14.99 -14.38 -11.82
CA GLY B 203 13.92 -13.91 -12.68
C GLY B 203 13.76 -14.79 -13.91
N LEU B 204 12.68 -14.52 -14.64
CA LEU B 204 12.36 -15.33 -15.81
C LEU B 204 13.27 -14.96 -16.97
N PHE B 205 13.86 -15.98 -17.60
CA PHE B 205 14.75 -15.79 -18.73
C PHE B 205 13.93 -15.48 -19.99
N THR B 206 14.18 -14.32 -20.60
CA THR B 206 13.43 -13.94 -21.79
C THR B 206 14.23 -14.15 -23.06
N THR B 207 15.26 -13.34 -23.28
CA THR B 207 15.94 -13.28 -24.55
C THR B 207 17.44 -13.50 -24.40
N GLN B 208 18.04 -13.97 -25.50
CA GLN B 208 19.49 -14.07 -25.63
C GLN B 208 19.85 -13.64 -27.05
N THR B 209 20.77 -12.71 -27.17
CA THR B 209 21.24 -12.24 -28.46
C THR B 209 22.76 -12.32 -28.52
N GLU B 210 23.30 -12.28 -29.73
CA GLU B 210 24.72 -12.54 -29.95
C GLU B 210 25.24 -11.66 -31.07
N ARG B 211 26.39 -11.03 -30.84
CA ARG B 211 27.03 -10.13 -31.79
C ARG B 211 28.46 -9.89 -31.37
N ASN B 212 29.35 -9.75 -32.35
CA ASN B 212 30.78 -9.55 -32.13
C ASN B 212 31.33 -10.53 -31.10
N GLY B 213 30.95 -11.80 -31.24
CA GLY B 213 31.43 -12.81 -30.32
C GLY B 213 30.97 -12.61 -28.89
N LEU B 214 29.95 -11.80 -28.66
CA LEU B 214 29.43 -11.54 -27.33
C LEU B 214 27.96 -11.93 -27.26
N LYS B 215 27.55 -12.44 -26.10
CA LYS B 215 26.20 -12.92 -25.87
C LYS B 215 25.57 -12.12 -24.74
N THR B 216 24.28 -11.81 -24.90
CA THR B 216 23.55 -11.01 -23.91
C THR B 216 22.24 -11.71 -23.56
N LEU B 217 22.08 -12.06 -22.30
CA LEU B 217 20.88 -12.71 -21.80
C LEU B 217 20.14 -11.81 -20.83
N THR B 218 18.81 -11.82 -20.90
CA THR B 218 17.95 -10.97 -20.09
C THR B 218 17.11 -11.83 -19.14
N PHE B 219 17.06 -11.42 -17.87
CA PHE B 219 16.24 -12.06 -16.85
C PHE B 219 15.45 -10.98 -16.11
N THR B 220 14.22 -11.32 -15.74
CA THR B 220 13.31 -10.35 -15.12
C THR B 220 12.79 -10.90 -13.79
N GLN B 221 13.27 -10.32 -12.69
CA GLN B 221 12.80 -10.65 -11.35
C GLN B 221 11.63 -9.73 -11.03
N ARG B 222 10.41 -10.25 -11.16
CA ARG B 222 9.20 -9.43 -11.06
C ARG B 222 8.65 -9.33 -9.64
N VAL B 223 9.24 -10.02 -8.67
CA VAL B 223 8.82 -9.86 -7.28
C VAL B 223 9.99 -9.30 -6.48
N PRO B 224 9.75 -8.33 -5.60
CA PRO B 224 10.88 -7.66 -4.93
C PRO B 224 11.58 -8.56 -3.94
N VAL B 225 12.90 -8.54 -3.98
CA VAL B 225 13.74 -9.34 -3.08
C VAL B 225 14.95 -8.52 -2.67
N PRO B 226 15.62 -8.90 -1.58
CA PRO B 226 16.80 -8.15 -1.14
C PRO B 226 17.91 -8.19 -2.18
N THR B 227 18.83 -7.23 -2.06
CA THR B 227 19.94 -7.14 -3.00
C THR B 227 20.77 -8.42 -3.03
N TYR B 228 21.08 -8.97 -1.85
CA TYR B 228 21.85 -10.21 -1.81
C TYR B 228 21.07 -11.40 -2.36
N ALA B 229 19.74 -11.28 -2.44
CA ALA B 229 18.92 -12.35 -2.99
C ALA B 229 18.93 -12.38 -4.51
N LEU B 230 19.63 -11.46 -5.16
CA LEU B 230 19.71 -11.44 -6.61
C LEU B 230 20.75 -12.44 -7.07
N GLY B 231 20.31 -13.52 -7.71
CA GLY B 231 21.24 -14.48 -8.27
C GLY B 231 21.84 -13.97 -9.57
N LEU B 232 23.11 -14.26 -9.77
CA LEU B 232 23.82 -13.84 -10.97
C LEU B 232 25.05 -14.72 -11.10
N ILE B 233 25.08 -15.59 -12.11
CA ILE B 233 26.18 -16.52 -12.33
C ILE B 233 26.54 -16.47 -13.81
N VAL B 234 27.84 -16.47 -14.11
CA VAL B 234 28.32 -16.48 -15.48
C VAL B 234 29.44 -17.50 -15.59
N GLY B 235 29.55 -18.11 -16.77
CA GLY B 235 30.53 -19.14 -17.02
C GLY B 235 29.92 -20.32 -17.74
N PRO B 236 30.59 -21.46 -17.72
CA PRO B 236 30.06 -22.65 -18.41
C PRO B 236 28.87 -23.24 -17.67
N LEU B 237 27.66 -22.91 -18.11
CA LEU B 237 26.45 -23.38 -17.43
C LEU B 237 25.35 -23.62 -18.46
N GLU B 238 24.48 -24.56 -18.14
CA GLU B 238 23.37 -24.93 -19.03
C GLU B 238 22.05 -24.87 -18.28
N ARG B 239 21.04 -24.30 -18.93
CA ARG B 239 19.69 -24.26 -18.39
C ARG B 239 18.96 -25.55 -18.71
N ARG B 240 18.09 -25.95 -17.79
CA ARG B 240 17.14 -27.04 -18.06
C ARG B 240 15.82 -26.77 -17.34
N THR B 241 14.74 -26.77 -18.11
CA THR B 241 13.41 -26.62 -17.57
C THR B 241 12.85 -27.97 -17.16
N ALA B 242 11.92 -27.95 -16.22
CA ALA B 242 11.18 -29.12 -15.79
C ALA B 242 9.71 -28.78 -15.90
N PRO B 243 8.82 -29.78 -15.90
CA PRO B 243 7.39 -29.46 -16.03
C PRO B 243 6.95 -28.48 -14.96
N ASP B 244 5.93 -27.69 -15.31
CA ASP B 244 5.37 -26.74 -14.36
C ASP B 244 4.90 -27.45 -13.10
N VAL B 245 4.89 -26.72 -11.99
CA VAL B 245 4.35 -27.21 -10.72
C VAL B 245 3.09 -26.39 -10.44
N GLN B 246 1.97 -27.08 -10.29
CA GLN B 246 0.68 -26.44 -10.06
C GLN B 246 0.36 -26.48 -8.56
N LEU B 247 0.23 -25.31 -7.96
CA LEU B 247 -0.11 -25.18 -6.54
C LEU B 247 -1.50 -24.55 -6.48
N GLY B 248 -2.51 -25.38 -6.66
CA GLY B 248 -3.85 -24.85 -6.78
C GLY B 248 -3.96 -24.08 -8.09
N THR B 249 -4.44 -22.84 -8.00
CA THR B 249 -4.50 -21.98 -9.17
C THR B 249 -3.14 -21.41 -9.56
N GLN B 250 -2.20 -21.35 -8.61
CA GLN B 250 -0.89 -20.78 -8.89
C GLN B 250 -0.04 -21.77 -9.69
N THR B 251 0.70 -21.25 -10.67
CA THR B 251 1.61 -22.04 -11.47
C THR B 251 3.04 -21.55 -11.21
N VAL B 252 3.93 -22.50 -10.93
CA VAL B 252 5.33 -22.20 -10.63
C VAL B 252 6.19 -22.92 -11.66
N HIS B 253 6.91 -22.14 -12.46
CA HIS B 253 7.79 -22.72 -13.47
C HIS B 253 8.99 -23.38 -12.80
N ARG B 254 9.59 -24.33 -13.51
CA ARG B 254 10.68 -25.14 -12.97
C ARG B 254 11.85 -25.13 -13.94
N ARG B 255 13.01 -24.71 -13.46
CA ARG B 255 14.24 -24.80 -14.23
C ARG B 255 15.42 -24.81 -13.28
N ASP B 256 16.46 -25.57 -13.64
CA ASP B 256 17.69 -25.64 -12.86
C ASP B 256 18.87 -25.28 -13.74
N ILE B 257 19.94 -24.80 -13.10
CA ILE B 257 21.17 -24.44 -13.79
C ILE B 257 22.24 -25.45 -13.40
N TYR B 258 22.92 -25.99 -14.40
CA TYR B 258 23.99 -26.96 -14.18
C TYR B 258 25.28 -26.41 -14.78
N ALA B 259 26.22 -26.01 -13.92
CA ALA B 259 27.53 -25.64 -14.40
C ALA B 259 28.30 -26.87 -14.85
N ALA B 260 29.33 -26.64 -15.65
CA ALA B 260 30.15 -27.75 -16.14
C ALA B 260 31.05 -28.30 -15.04
N GLY B 261 31.37 -29.58 -15.14
CA GLY B 261 32.31 -30.19 -14.23
C GLY B 261 31.77 -30.47 -12.83
N LEU B 262 30.49 -30.83 -12.72
CA LEU B 262 29.91 -31.15 -11.43
C LEU B 262 30.35 -32.53 -10.96
N PRO B 263 30.47 -32.74 -9.65
CA PRO B 263 30.79 -34.08 -9.14
C PRO B 263 29.70 -35.08 -9.47
N ALA B 264 30.10 -36.34 -9.59
CA ALA B 264 29.14 -37.41 -9.84
C ALA B 264 28.13 -37.49 -8.71
N GLY B 265 26.85 -37.59 -9.08
CA GLY B 265 25.78 -37.64 -8.11
C GLY B 265 25.22 -36.30 -7.70
N THR B 266 25.67 -35.21 -8.30
CA THR B 266 25.14 -33.88 -8.03
C THR B 266 23.86 -33.71 -8.83
N THR B 267 22.72 -33.99 -8.20
CA THR B 267 21.45 -34.02 -8.91
C THR B 267 20.36 -33.36 -8.07
N VAL B 268 19.21 -33.19 -8.70
CA VAL B 268 17.97 -32.82 -8.02
C VAL B 268 17.01 -33.98 -8.19
N PRO B 269 16.68 -34.72 -7.13
CA PRO B 269 15.78 -35.87 -7.27
C PRO B 269 14.49 -35.49 -8.00
N GLU B 270 14.15 -36.28 -9.02
CA GLU B 270 12.97 -36.03 -9.82
C GLU B 270 11.73 -35.97 -8.93
N GLY B 271 10.91 -34.95 -9.13
CA GLY B 271 9.69 -34.78 -8.37
C GLY B 271 9.87 -34.22 -6.98
N GLU B 272 11.11 -34.13 -6.48
CA GLU B 272 11.34 -33.65 -5.12
C GLU B 272 10.94 -32.20 -4.96
N THR B 273 11.36 -31.34 -5.90
CA THR B 273 11.07 -29.92 -5.79
C THR B 273 9.56 -29.67 -5.84
N ALA B 274 8.83 -30.47 -6.60
CA ALA B 274 7.38 -30.34 -6.62
C ALA B 274 6.79 -30.65 -5.24
N ARG B 275 7.23 -31.75 -4.62
CA ARG B 275 6.70 -32.11 -3.30
C ARG B 275 7.06 -31.05 -2.26
N MET B 276 8.30 -30.58 -2.26
CA MET B 276 8.71 -29.53 -1.33
C MET B 276 7.86 -28.28 -1.52
N LEU B 277 7.58 -27.90 -2.77
CA LEU B 277 6.78 -26.71 -3.03
C LEU B 277 5.39 -26.85 -2.43
N ARG B 278 4.76 -28.02 -2.57
CA ARG B 278 3.42 -28.20 -2.03
C ARG B 278 3.42 -28.18 -0.51
N VAL B 279 4.38 -28.88 0.11
CA VAL B 279 4.42 -28.96 1.57
C VAL B 279 4.67 -27.59 2.17
N LEU B 280 5.65 -26.85 1.63
CA LEU B 280 5.99 -25.54 2.20
C LEU B 280 4.89 -24.52 1.94
N SER B 281 4.32 -24.51 0.73
CA SER B 281 3.25 -23.56 0.43
CA SER B 281 3.26 -23.56 0.43
C SER B 281 2.00 -23.86 1.24
N ASP B 282 1.77 -25.13 1.58
CA ASP B 282 0.63 -25.47 2.42
C ASP B 282 0.80 -24.94 3.84
N TRP B 283 2.03 -24.69 4.27
CA TRP B 283 2.32 -24.14 5.58
C TRP B 283 2.40 -22.62 5.59
N PHE B 284 2.92 -22.03 4.52
CA PHE B 284 3.28 -20.61 4.51
C PHE B 284 2.37 -19.75 3.64
N GLY B 285 1.62 -20.34 2.73
CA GLY B 285 0.90 -19.58 1.73
C GLY B 285 1.55 -19.74 0.38
N PRO B 286 0.96 -19.11 -0.66
CA PRO B 286 1.45 -19.30 -2.02
C PRO B 286 2.93 -18.97 -2.17
N TYR B 287 3.60 -19.72 -3.04
CA TYR B 287 4.99 -19.43 -3.38
C TYR B 287 5.11 -18.03 -3.96
N PRO B 288 6.00 -17.19 -3.43
CA PRO B 288 5.99 -15.77 -3.78
C PRO B 288 6.55 -15.44 -5.15
N ASP B 289 7.08 -16.40 -5.90
CA ASP B 289 7.79 -16.13 -7.13
C ASP B 289 7.16 -16.93 -8.28
N GLU B 290 7.66 -16.68 -9.49
CA GLU B 290 7.12 -17.31 -10.68
C GLU B 290 7.86 -18.59 -11.06
N VAL B 291 9.05 -18.80 -10.52
CA VAL B 291 9.88 -19.95 -10.89
C VAL B 291 10.71 -20.34 -9.66
N TYR B 292 11.07 -21.62 -9.58
CA TYR B 292 12.05 -22.05 -8.62
C TYR B 292 12.96 -23.10 -9.23
N GLY B 293 14.19 -23.12 -8.74
CA GLY B 293 15.18 -24.10 -9.16
C GLY B 293 16.47 -23.83 -8.42
N VAL B 294 17.48 -24.63 -8.75
CA VAL B 294 18.81 -24.47 -8.16
C VAL B 294 19.82 -24.24 -9.27
N ALA B 295 20.90 -23.57 -8.92
CA ALA B 295 22.05 -23.36 -9.79
C ALA B 295 23.20 -24.17 -9.18
N LEU B 296 23.36 -25.40 -9.64
CA LEU B 296 24.35 -26.31 -9.08
C LEU B 296 25.75 -25.94 -9.57
N LEU B 297 26.63 -25.56 -8.64
CA LEU B 297 27.99 -25.15 -8.96
C LEU B 297 29.00 -26.17 -8.44
N PRO B 298 30.08 -26.41 -9.19
CA PRO B 298 31.07 -27.42 -8.77
C PRO B 298 32.06 -26.91 -7.74
N VAL B 299 31.69 -25.86 -7.01
CA VAL B 299 32.56 -25.24 -6.04
C VAL B 299 32.22 -25.78 -4.66
N ARG B 300 33.02 -25.39 -3.66
CA ARG B 300 32.85 -25.83 -2.28
C ARG B 300 32.47 -24.62 -1.45
N GLN B 301 31.19 -24.49 -1.14
CA GLN B 301 30.68 -23.28 -0.52
C GLN B 301 29.28 -23.54 0.03
N LEU B 302 28.85 -22.68 0.94
CA LEU B 302 27.48 -22.72 1.46
C LEU B 302 26.49 -22.33 0.36
N ALA B 303 25.25 -22.80 0.53
CA ALA B 303 24.18 -22.44 -0.39
C ALA B 303 23.58 -21.09 -0.01
N LEU B 304 23.14 -20.35 -1.03
CA LEU B 304 22.51 -19.05 -0.84
C LEU B 304 21.16 -19.03 -1.53
N GLU B 305 20.15 -18.53 -0.82
CA GLU B 305 18.77 -18.56 -1.28
C GLU B 305 18.44 -17.47 -2.30
N THR B 306 19.28 -17.31 -3.33
CA THR B 306 18.99 -16.30 -4.34
C THR B 306 17.62 -16.54 -4.95
N ALA B 307 16.91 -15.44 -5.24
CA ALA B 307 15.48 -15.48 -5.49
C ALA B 307 15.14 -16.38 -6.67
N GLY B 308 14.23 -17.33 -6.44
CA GLY B 308 13.73 -18.22 -7.48
C GLY B 308 14.78 -19.09 -8.14
N LEU B 309 16.03 -18.96 -7.70
CA LEU B 309 17.12 -19.73 -8.28
C LEU B 309 18.24 -19.77 -7.23
N THR B 310 18.22 -20.81 -6.40
CA THR B 310 19.15 -20.90 -5.30
C THR B 310 20.55 -21.19 -5.82
N THR B 311 21.53 -20.41 -5.36
CA THR B 311 22.93 -20.67 -5.66
C THR B 311 23.38 -21.84 -4.81
N MET B 312 23.60 -23.00 -5.44
CA MET B 312 23.80 -24.26 -4.73
C MET B 312 25.16 -24.85 -5.10
N PRO B 313 26.21 -24.52 -4.37
CA PRO B 313 27.47 -25.26 -4.52
C PRO B 313 27.24 -26.75 -4.23
N ALA B 314 27.95 -27.59 -5.00
CA ALA B 314 27.69 -29.02 -4.94
C ALA B 314 27.90 -29.60 -3.55
N THR B 315 28.84 -29.07 -2.78
CA THR B 315 29.14 -29.62 -1.45
C THR B 315 28.02 -29.40 -0.44
N SER B 316 26.99 -28.62 -0.78
CA SER B 316 25.84 -28.44 0.09
C SER B 316 24.57 -29.04 -0.49
N ASN B 317 24.63 -29.62 -1.69
CA ASN B 317 23.44 -30.15 -2.35
C ASN B 317 22.90 -31.37 -1.61
N ARG B 318 22.02 -31.13 -0.64
CA ARG B 318 21.41 -32.18 0.15
C ARG B 318 19.91 -31.90 0.19
N GLU B 319 19.14 -32.92 0.60
CA GLU B 319 17.69 -32.76 0.66
C GLU B 319 17.30 -31.66 1.61
N ARG B 320 18.03 -31.56 2.72
CA ARG B 320 17.70 -30.67 3.83
C ARG B 320 18.13 -29.24 3.57
N VAL B 321 19.11 -29.04 2.71
CA VAL B 321 19.54 -27.71 2.29
C VAL B 321 18.73 -27.22 1.10
N ARG B 322 18.29 -28.13 0.23
CA ARG B 322 17.40 -27.73 -0.85
C ARG B 322 16.06 -27.27 -0.29
N LEU B 323 15.53 -27.98 0.70
CA LEU B 323 14.33 -27.52 1.40
C LEU B 323 14.60 -26.21 2.11
N HIS B 324 15.72 -26.12 2.83
CA HIS B 324 16.13 -24.90 3.52
C HIS B 324 16.09 -23.69 2.60
N ALA B 325 16.84 -23.75 1.50
CA ALA B 325 16.89 -22.64 0.55
C ALA B 325 15.51 -22.28 0.02
N LEU B 326 14.68 -23.29 -0.29
CA LEU B 326 13.34 -23.02 -0.79
C LEU B 326 12.49 -22.29 0.24
N ALA B 327 12.58 -22.70 1.51
CA ALA B 327 11.86 -22.01 2.57
C ALA B 327 12.23 -20.53 2.62
N HIS B 328 13.51 -20.23 2.40
CA HIS B 328 13.98 -18.85 2.45
C HIS B 328 13.34 -17.96 1.39
N GLN B 329 12.84 -18.54 0.29
CA GLN B 329 12.08 -17.76 -0.68
C GLN B 329 10.91 -17.05 -0.01
N TRP B 330 10.31 -17.69 1.00
CA TRP B 330 9.34 -17.00 1.86
C TRP B 330 10.05 -16.15 2.89
N PHE B 331 10.75 -16.81 3.82
CA PHE B 331 11.35 -16.14 4.98
C PHE B 331 12.77 -15.72 4.62
N GLY B 332 12.92 -14.46 4.22
CA GLY B 332 14.20 -13.93 3.82
C GLY B 332 14.12 -13.14 2.53
N ASP B 333 13.52 -13.75 1.50
CA ASP B 333 13.39 -13.10 0.21
C ASP B 333 12.08 -12.32 0.09
N GLN B 334 10.96 -12.91 0.51
CA GLN B 334 9.69 -12.19 0.54
C GLN B 334 9.55 -11.40 1.83
N VAL B 335 9.61 -12.08 2.97
CA VAL B 335 9.65 -11.42 4.27
C VAL B 335 11.10 -11.07 4.56
N THR B 336 11.43 -9.78 4.50
CA THR B 336 12.80 -9.32 4.62
C THR B 336 13.04 -8.70 5.99
N LEU B 337 14.30 -8.69 6.40
CA LEU B 337 14.68 -8.20 7.71
C LEU B 337 14.75 -6.68 7.74
N ALA B 338 14.32 -6.10 8.86
CA ALA B 338 14.49 -4.67 9.08
C ALA B 338 15.87 -4.35 9.64
N ASP B 339 16.53 -5.33 10.27
CA ASP B 339 17.83 -5.14 10.88
C ASP B 339 18.54 -6.48 10.91
N TRP B 340 19.84 -6.48 10.57
CA TRP B 340 20.60 -7.72 10.47
C TRP B 340 20.71 -8.46 11.79
N ALA B 341 20.37 -7.82 12.91
CA ALA B 341 20.36 -8.52 14.20
C ALA B 341 19.30 -9.61 14.26
N ASP B 342 18.28 -9.55 13.41
CA ASP B 342 17.16 -10.48 13.43
C ASP B 342 17.29 -11.60 12.39
N THR B 343 18.52 -12.02 12.09
CA THR B 343 18.73 -13.05 11.08
C THR B 343 17.98 -14.33 11.40
N TRP B 344 17.71 -14.59 12.67
CA TRP B 344 16.98 -15.80 13.05
C TRP B 344 15.56 -15.82 12.48
N LEU B 345 14.99 -14.66 12.17
CA LEU B 345 13.68 -14.62 11.52
C LEU B 345 13.71 -15.29 10.16
N SER B 346 14.88 -15.33 9.52
CA SER B 346 15.03 -16.05 8.26
C SER B 346 15.70 -17.40 8.44
N GLU B 347 16.76 -17.47 9.23
CA GLU B 347 17.49 -18.73 9.39
C GLU B 347 16.74 -19.70 10.31
N GLY B 348 16.23 -19.20 11.44
CA GLY B 348 15.42 -20.05 12.29
C GLY B 348 14.16 -20.54 11.62
N PHE B 349 13.51 -19.66 10.84
CA PHE B 349 12.33 -20.05 10.10
C PHE B 349 12.66 -21.04 8.99
N ALA B 350 13.73 -20.77 8.23
CA ALA B 350 14.13 -21.70 7.17
C ALA B 350 14.56 -23.04 7.74
N THR B 351 15.13 -23.06 8.95
CA THR B 351 15.53 -24.32 9.56
C THR B 351 14.33 -25.10 10.07
N TYR B 352 13.33 -24.39 10.60
CA TYR B 352 12.15 -25.10 11.07
C TYR B 352 11.38 -25.73 9.92
N ALA B 353 11.43 -25.13 8.73
CA ALA B 353 10.85 -25.75 7.55
C ALA B 353 11.40 -27.14 7.32
N GLU B 354 12.68 -27.37 7.64
CA GLU B 354 13.26 -28.70 7.52
C GLU B 354 12.47 -29.71 8.36
N LEU B 355 12.12 -29.33 9.60
CA LEU B 355 11.33 -30.21 10.45
C LEU B 355 9.93 -30.41 9.89
N LEU B 356 9.32 -29.34 9.36
CA LEU B 356 8.00 -29.48 8.75
C LEU B 356 8.03 -30.40 7.54
N TRP B 357 9.05 -30.24 6.70
CA TRP B 357 9.21 -31.13 5.56
C TRP B 357 9.49 -32.55 5.99
N ALA B 358 10.31 -32.72 7.04
CA ALA B 358 10.59 -34.07 7.55
C ALA B 358 9.31 -34.74 8.05
N GLU B 359 8.50 -33.99 8.82
CA GLU B 359 7.23 -34.53 9.29
C GLU B 359 6.33 -34.91 8.12
N SER B 360 6.30 -34.09 7.07
CA SER B 360 5.49 -34.40 5.89
C SER B 360 5.91 -35.70 5.23
N GLN B 361 7.18 -36.09 5.38
CA GLN B 361 7.68 -37.33 4.81
C GLN B 361 7.67 -38.48 5.81
N GLY B 362 6.83 -38.40 6.84
CA GLY B 362 6.66 -39.49 7.78
C GLY B 362 7.68 -39.59 8.89
N GLU B 363 8.62 -38.64 8.98
CA GLU B 363 9.64 -38.72 10.01
C GLU B 363 9.12 -38.15 11.33
N ASP B 364 9.89 -38.38 12.39
CA ASP B 364 9.55 -37.91 13.74
C ASP B 364 10.17 -36.54 13.91
N GLY B 365 9.36 -35.49 13.77
CA GLY B 365 9.87 -34.13 13.91
C GLY B 365 10.31 -33.80 15.31
N GLN B 366 9.64 -34.35 16.33
CA GLN B 366 10.05 -34.14 17.71
C GLN B 366 11.48 -34.63 17.92
N ALA B 367 11.83 -35.74 17.28
CA ALA B 367 13.19 -36.26 17.39
C ALA B 367 14.20 -35.34 16.71
N MET B 368 13.81 -34.72 15.59
CA MET B 368 14.69 -33.75 14.95
C MET B 368 14.87 -32.53 15.83
N ALA B 369 13.80 -32.05 16.47
CA ALA B 369 13.93 -30.97 17.43
C ALA B 369 14.83 -31.37 18.59
N ALA B 370 14.73 -32.63 19.02
CA ALA B 370 15.61 -33.14 20.07
C ALA B 370 17.07 -33.09 19.64
N ASP B 371 17.35 -33.44 18.38
CA ASP B 371 18.71 -33.34 17.87
C ASP B 371 19.21 -31.91 17.89
N TRP B 372 18.38 -30.96 17.46
CA TRP B 372 18.72 -29.55 17.53
C TRP B 372 19.12 -29.16 18.96
N TYR B 373 18.28 -29.51 19.94
CA TYR B 373 18.55 -29.13 21.32
C TYR B 373 19.86 -29.74 21.82
N ALA B 374 20.08 -31.03 21.55
CA ALA B 374 21.31 -31.68 21.98
C ALA B 374 22.53 -30.93 21.45
N ARG B 375 22.53 -30.62 20.16
CA ARG B 375 23.65 -29.89 19.57
C ARG B 375 23.70 -28.45 20.03
N LEU B 376 22.69 -27.95 20.74
CA LEU B 376 22.76 -26.63 21.36
C LEU B 376 23.18 -26.68 22.81
N SER B 377 22.81 -27.72 23.55
CA SER B 377 23.07 -27.80 24.98
C SER B 377 24.56 -27.84 25.31
N VAL B 378 25.43 -28.06 24.32
CA VAL B 378 26.87 -28.02 24.51
C VAL B 378 27.50 -26.83 23.80
N LEU B 379 26.68 -25.95 23.23
CA LEU B 379 27.09 -24.74 22.55
C LEU B 379 26.73 -23.51 23.37
N PRO B 380 27.45 -22.41 23.20
CA PRO B 380 27.04 -21.16 23.85
C PRO B 380 25.74 -20.67 23.23
N SER B 381 24.89 -20.10 24.06
CA SER B 381 23.62 -19.54 23.61
C SER B 381 23.58 -18.04 23.87
N ARG B 382 22.59 -17.40 23.29
CA ARG B 382 22.45 -15.95 23.32
C ARG B 382 21.00 -15.62 22.98
N PRO B 383 20.51 -14.45 23.41
CA PRO B 383 19.19 -14.00 22.93
C PRO B 383 19.14 -14.01 21.41
N LEU B 384 17.94 -14.08 20.84
CA LEU B 384 17.84 -14.23 19.40
C LEU B 384 18.31 -13.00 18.64
N ARG B 385 18.09 -11.81 19.19
CA ARG B 385 18.60 -10.59 18.57
C ARG B 385 20.11 -10.54 18.72
N ALA B 386 20.83 -10.65 17.60
CA ALA B 386 22.28 -10.66 17.64
C ALA B 386 22.83 -9.26 17.93
N THR B 387 23.93 -9.21 18.68
CA THR B 387 24.59 -7.94 18.97
C THR B 387 25.85 -7.70 18.16
N ARG B 388 26.45 -8.74 17.57
CA ARG B 388 27.68 -8.60 16.81
C ARG B 388 27.59 -9.42 15.52
N GLU B 389 28.49 -9.12 14.58
CA GLU B 389 28.44 -9.76 13.27
C GLU B 389 28.67 -11.26 13.34
N GLU B 390 29.50 -11.70 14.29
CA GLU B 390 29.82 -13.12 14.41
C GLU B 390 28.62 -13.96 14.80
N GLU B 391 27.56 -13.36 15.35
CA GLU B 391 26.39 -14.09 15.80
C GLU B 391 25.30 -14.19 14.75
N ILE B 392 25.31 -13.36 13.72
CA ILE B 392 24.16 -13.28 12.82
C ILE B 392 23.95 -14.59 12.07
N PHE B 393 25.01 -15.38 11.89
CA PHE B 393 24.89 -16.68 11.23
C PHE B 393 25.40 -17.81 12.11
N ASP B 394 25.24 -17.69 13.43
CA ASP B 394 25.74 -18.71 14.33
C ASP B 394 24.66 -19.75 14.62
N ALA B 395 24.99 -20.72 15.46
CA ALA B 395 24.08 -21.83 15.73
C ALA B 395 22.78 -21.35 16.37
N SER B 396 22.83 -20.28 17.16
CA SER B 396 21.62 -19.81 17.83
C SER B 396 20.62 -19.25 16.83
N ALA B 397 21.11 -18.60 15.76
CA ALA B 397 20.22 -18.04 14.76
C ALA B 397 19.46 -19.13 14.00
N TYR B 398 20.07 -20.30 13.83
CA TYR B 398 19.42 -21.41 13.13
C TYR B 398 18.55 -22.25 14.05
N PHE B 399 19.16 -22.87 15.05
CA PHE B 399 18.49 -23.90 15.83
C PHE B 399 17.73 -23.34 17.03
N ARG B 400 18.33 -22.44 17.79
CA ARG B 400 17.58 -21.79 18.86
C ARG B 400 16.39 -21.02 18.29
N GLY B 401 16.55 -20.43 17.11
CA GLY B 401 15.43 -19.79 16.44
C GLY B 401 14.40 -20.80 15.97
N ALA B 402 14.85 -21.93 15.42
CA ALA B 402 13.92 -22.98 15.04
C ALA B 402 13.19 -23.54 16.25
N LEU B 403 13.92 -23.80 17.33
CA LEU B 403 13.28 -24.30 18.55
C LEU B 403 12.34 -23.27 19.15
N ALA B 404 12.59 -21.98 18.91
CA ALA B 404 11.63 -20.96 19.29
C ALA B 404 10.29 -21.18 18.60
N LEU B 405 10.33 -21.42 17.28
CA LEU B 405 9.10 -21.74 16.56
C LEU B 405 8.49 -23.05 17.06
N HIS B 406 9.34 -24.04 17.36
CA HIS B 406 8.84 -25.31 17.89
C HIS B 406 8.09 -25.10 19.19
N ALA B 407 8.64 -24.28 20.09
CA ALA B 407 7.96 -24.00 21.36
C ALA B 407 6.61 -23.33 21.13
N LEU B 408 6.56 -22.35 20.21
CA LEU B 408 5.31 -21.68 19.90
C LEU B 408 4.31 -22.64 19.29
N ARG B 409 4.74 -23.46 18.34
CA ARG B 409 3.83 -24.41 17.69
C ARG B 409 3.20 -25.36 18.69
N LEU B 410 4.01 -25.89 19.61
CA LEU B 410 3.48 -26.85 20.59
C LEU B 410 2.56 -26.18 21.60
N LYS B 411 2.68 -24.85 21.79
CA LYS B 411 1.83 -24.16 22.75
C LYS B 411 0.45 -23.85 22.18
N VAL B 412 0.33 -23.72 20.86
CA VAL B 412 -0.92 -23.32 20.24
C VAL B 412 -1.54 -24.40 19.37
N GLY B 413 -0.81 -25.46 19.04
CA GLY B 413 -1.37 -26.48 18.17
C GLY B 413 -1.04 -26.23 16.71
N ASP B 414 -0.98 -27.34 15.95
CA ASP B 414 -0.59 -27.26 14.55
C ASP B 414 -1.51 -26.34 13.76
N ALA B 415 -2.82 -26.40 14.04
CA ALA B 415 -3.77 -25.58 13.30
C ALA B 415 -3.49 -24.10 13.48
N ALA B 416 -3.44 -23.63 14.73
CA ALA B 416 -3.13 -22.23 15.00
C ALA B 416 -1.77 -21.85 14.45
N PHE B 417 -0.78 -22.73 14.60
CA PHE B 417 0.57 -22.43 14.12
C PHE B 417 0.60 -22.28 12.60
N GLY B 418 -0.07 -23.17 11.88
CA GLY B 418 -0.13 -23.05 10.44
C GLY B 418 -0.83 -21.77 9.99
N GLN B 419 -1.86 -21.36 10.73
CA GLN B 419 -2.56 -20.12 10.40
C GLN B 419 -1.70 -18.91 10.74
N PHE B 420 -0.93 -19.00 11.83
CA PHE B 420 -0.05 -17.88 12.18
C PHE B 420 1.03 -17.69 11.11
N LEU B 421 1.61 -18.79 10.63
CA LEU B 421 2.61 -18.68 9.57
C LEU B 421 2.02 -18.05 8.31
N HIS B 422 0.77 -18.40 7.98
CA HIS B 422 0.10 -17.77 6.86
C HIS B 422 -0.07 -16.27 7.10
N SER B 423 -0.51 -15.90 8.31
CA SER B 423 -0.69 -14.48 8.61
C SER B 423 0.65 -13.77 8.79
N TYR B 424 1.65 -14.47 9.33
CA TYR B 424 2.99 -13.87 9.47
C TYR B 424 3.55 -13.48 8.11
N VAL B 425 3.58 -14.42 7.17
CA VAL B 425 4.08 -14.14 5.82
C VAL B 425 3.34 -12.97 5.22
N LYS B 426 2.01 -13.00 5.28
CA LYS B 426 1.19 -11.92 4.75
C LYS B 426 1.49 -10.61 5.45
N THR B 427 1.54 -10.62 6.79
CA THR B 427 1.71 -9.38 7.55
C THR B 427 2.99 -8.65 7.17
N PHE B 428 4.02 -9.37 6.76
CA PHE B 428 5.33 -8.78 6.50
C PHE B 428 5.73 -8.92 5.03
N THR B 429 4.74 -8.93 4.14
CA THR B 429 4.98 -8.77 2.72
C THR B 429 4.89 -7.28 2.38
N GLY B 430 5.97 -6.73 1.84
CA GLY B 430 6.06 -5.30 1.63
C GLY B 430 6.43 -4.50 2.85
N ARG B 431 6.77 -5.17 3.96
CA ARG B 431 7.11 -4.51 5.21
C ARG B 431 8.17 -5.32 5.94
N PRO B 432 9.37 -4.77 6.15
CA PRO B 432 10.43 -5.53 6.81
C PRO B 432 10.03 -5.95 8.22
N VAL B 433 10.46 -7.16 8.59
CA VAL B 433 10.05 -7.79 9.85
C VAL B 433 11.11 -7.56 10.91
N SER B 434 10.66 -7.48 12.17
CA SER B 434 11.53 -7.35 13.32
C SER B 434 11.12 -8.37 14.36
N THR B 435 12.04 -8.64 15.29
CA THR B 435 11.71 -9.55 16.39
C THR B 435 10.61 -8.93 17.25
N THR B 436 10.72 -7.62 17.54
CA THR B 436 9.66 -6.92 18.25
C THR B 436 8.33 -7.04 17.51
N ALA B 437 8.35 -6.89 16.19
CA ALA B 437 7.11 -6.97 15.41
C ALA B 437 6.56 -8.40 15.40
N LEU B 438 7.44 -9.40 15.36
CA LEU B 438 6.99 -10.78 15.45
C LEU B 438 6.26 -11.04 16.76
N LEU B 439 6.90 -10.69 17.88
CA LEU B 439 6.28 -10.91 19.19
C LEU B 439 4.95 -10.19 19.30
N THR B 440 4.86 -8.96 18.79
CA THR B 440 3.59 -8.24 18.82
C THR B 440 2.52 -8.99 18.05
N LEU B 441 2.84 -9.45 16.83
CA LEU B 441 1.87 -10.20 16.04
C LEU B 441 1.44 -11.49 16.74
N VAL B 442 2.38 -12.15 17.42
CA VAL B 442 2.05 -13.34 18.19
C VAL B 442 1.01 -13.01 19.26
N LYS B 443 1.23 -11.93 20.01
CA LYS B 443 0.32 -11.56 21.09
C LYS B 443 -1.08 -11.26 20.56
N THR B 444 -1.18 -10.39 19.55
CA THR B 444 -2.49 -10.06 18.99
C THR B 444 -3.20 -11.30 18.46
N GLN B 445 -2.48 -12.13 17.69
CA GLN B 445 -3.12 -13.24 17.01
C GLN B 445 -3.33 -14.43 17.93
N LEU B 446 -2.32 -14.80 18.73
CA LEU B 446 -2.36 -16.05 19.47
C LEU B 446 -2.54 -15.86 20.98
N GLY B 447 -2.38 -14.67 21.50
CA GLY B 447 -2.61 -14.41 22.91
C GLY B 447 -1.32 -14.16 23.67
N ALA B 448 -1.49 -13.71 24.91
CA ALA B 448 -0.34 -13.34 25.74
C ALA B 448 0.47 -14.57 26.13
N GLU B 449 -0.21 -15.69 26.42
CA GLU B 449 0.50 -16.90 26.81
C GLU B 449 1.40 -17.41 25.69
N ALA B 450 0.87 -17.47 24.48
CA ALA B 450 1.69 -17.81 23.32
C ALA B 450 2.84 -16.81 23.15
N GLU B 451 2.57 -15.53 23.40
CA GLU B 451 3.61 -14.51 23.31
C GLU B 451 4.71 -14.77 24.31
N GLN B 452 4.34 -14.99 25.57
CA GLN B 452 5.35 -15.21 26.62
C GLN B 452 6.17 -16.47 26.34
N THR B 453 5.53 -17.50 25.78
CA THR B 453 6.27 -18.71 25.40
C THR B 453 7.37 -18.40 24.39
N LEU B 454 7.05 -17.60 23.36
CA LEU B 454 8.05 -17.27 22.36
C LEU B 454 9.13 -16.35 22.93
N ARG B 455 8.76 -15.46 23.84
CA ARG B 455 9.73 -14.52 24.41
C ARG B 455 10.77 -15.23 25.26
N VAL B 456 10.38 -16.31 25.92
CA VAL B 456 11.34 -17.13 26.66
C VAL B 456 12.49 -17.54 25.76
N TRP B 457 12.19 -17.89 24.51
CA TRP B 457 13.23 -18.29 23.57
C TRP B 457 13.93 -17.09 22.93
N VAL B 458 13.21 -15.99 22.75
CA VAL B 458 13.81 -14.80 22.14
C VAL B 458 14.78 -14.13 23.10
N GLU B 459 14.37 -13.98 24.36
CA GLU B 459 15.19 -13.35 25.39
C GLU B 459 15.78 -14.39 26.32
N GLY B 460 16.93 -14.06 26.90
CA GLY B 460 17.50 -14.93 27.90
C GLY B 460 18.80 -15.52 27.42
N ARG B 461 19.91 -15.22 28.07
CA ARG B 461 21.19 -15.70 27.57
C ARG B 461 21.43 -17.18 27.85
N THR B 462 20.42 -17.89 28.33
CA THR B 462 20.51 -19.32 28.60
C THR B 462 19.59 -20.06 27.65
N LEU B 463 19.95 -21.30 27.34
CA LEU B 463 19.11 -22.16 26.52
C LEU B 463 18.03 -22.82 27.38
N PRO B 464 16.76 -22.47 27.16
CA PRO B 464 15.68 -23.08 27.94
C PRO B 464 15.59 -24.56 27.63
N PRO B 465 14.93 -25.33 28.48
CA PRO B 465 14.75 -26.76 28.21
C PRO B 465 14.03 -27.02 26.88
N LEU B 466 14.24 -28.23 26.38
CA LEU B 466 13.71 -28.64 25.09
C LEU B 466 12.19 -28.58 25.11
N PRO B 467 11.57 -27.90 24.15
CA PRO B 467 10.10 -27.84 24.10
C PRO B 467 9.52 -29.21 23.80
N GLU B 468 8.68 -29.70 24.69
CA GLU B 468 8.05 -31.00 24.54
C GLU B 468 6.54 -30.86 24.66
N PRO B 469 5.79 -31.76 24.02
CA PRO B 469 4.33 -31.73 24.18
C PRO B 469 3.93 -31.84 25.64
N VAL B 470 2.94 -31.03 26.03
CA VAL B 470 2.47 -31.04 27.41
C VAL B 470 2.03 -32.45 27.82
N GLY B 471 1.24 -33.10 26.98
CA GLY B 471 0.84 -34.47 27.24
C GLY B 471 -0.46 -34.57 28.00
N ALA B 472 -0.71 -35.79 28.49
CA ALA B 472 -1.93 -36.12 29.22
C ALA B 472 -1.77 -35.79 30.70
N PRO B 473 -2.84 -35.27 31.34
CA PRO B 473 -2.84 -34.97 32.77
C PRO B 473 -2.98 -36.22 33.64
#